data_3LP6
#
_entry.id   3LP6
#
_cell.length_a   145.696
_cell.length_b   145.696
_cell.length_c   58.384
_cell.angle_alpha   90.00
_cell.angle_beta   90.00
_cell.angle_gamma   90.00
#
_symmetry.space_group_name_H-M   'P 42 21 2'
#
loop_
_entity.id
_entity.type
_entity.pdbx_description
1 polymer 'Phosphoribosylaminoimidazole carboxylase catalytic subunit'
2 non-polymer 'FORMIC ACID'
3 non-polymer GLYCEROL
4 water water
#
_entity_poly.entity_id   1
_entity_poly.type   'polypeptide(L)'
_entity_poly.pdbx_seq_one_letter_code
;MTPAGERPRVGVIMGSDSDWPVMADAAAALAEFDIPAEVRVVSAHRTPEAMFSYARGAAARGLEVIIAGAGGAAHLPGMV
AAATPLPVIGVPVPLGRLDGLDSLLSIVQMPAGVPVATVSIGGAGNAGLLAVRMLGAANPQLRARIVAFQDRLADVVAAK
DAELQRLAGKLTRD
;
_entity_poly.pdbx_strand_id   A,B,C,D
#
loop_
_chem_comp.id
_chem_comp.type
_chem_comp.name
_chem_comp.formula
FMT non-polymer 'FORMIC ACID' 'C H2 O2'
GOL non-polymer GLYCEROL 'C3 H8 O3'
#
# COMPACT_ATOMS: atom_id res chain seq x y z
N GLU A 6 -15.86 11.96 28.25
CA GLU A 6 -16.35 10.74 27.62
C GLU A 6 -15.18 9.81 27.29
N ARG A 7 -15.40 8.51 27.40
CA ARG A 7 -14.34 7.54 27.13
C ARG A 7 -14.02 7.47 25.65
N PRO A 8 -12.74 7.33 25.31
CA PRO A 8 -12.29 7.35 23.92
C PRO A 8 -12.96 6.26 23.08
N ARG A 9 -13.29 6.58 21.82
CA ARG A 9 -13.85 5.62 20.88
C ARG A 9 -12.83 5.23 19.82
N VAL A 10 -11.79 6.05 19.67
CA VAL A 10 -10.73 5.77 18.70
C VAL A 10 -9.38 5.98 19.38
N GLY A 11 -8.46 5.05 19.17
CA GLY A 11 -7.12 5.19 19.70
C GLY A 11 -6.18 5.57 18.57
N VAL A 12 -5.26 6.49 18.83
CA VAL A 12 -4.28 6.88 17.81
C VAL A 12 -2.92 6.59 18.41
N ILE A 13 -2.23 5.60 17.87
CA ILE A 13 -1.00 5.16 18.48
C ILE A 13 0.14 5.16 17.46
N MET A 14 1.36 5.19 17.98
CA MET A 14 2.54 5.31 17.12
C MET A 14 3.73 4.81 17.91
N GLY A 15 4.77 4.39 17.21
CA GLY A 15 5.93 3.80 17.86
C GLY A 15 6.86 4.80 18.56
N SER A 16 6.78 6.07 18.17
CA SER A 16 7.66 7.08 18.75
C SER A 16 6.97 8.44 18.79
N ASP A 17 7.32 9.27 19.77
CA ASP A 17 6.80 10.63 19.79
C ASP A 17 7.29 11.42 18.57
N SER A 18 8.33 10.90 17.92
CA SER A 18 8.85 11.53 16.71
C SER A 18 7.91 11.34 15.51
N ASP A 19 6.92 10.45 15.68
CA ASP A 19 5.90 10.24 14.65
C ASP A 19 4.79 11.30 14.77
N TRP A 20 4.80 12.09 15.84
CA TRP A 20 3.70 13.02 16.12
C TRP A 20 3.46 14.09 15.05
N PRO A 21 4.55 14.66 14.50
CA PRO A 21 4.38 15.64 13.42
C PRO A 21 3.47 15.09 12.30
N VAL A 22 3.55 13.79 12.04
CA VAL A 22 2.64 13.14 11.09
C VAL A 22 1.30 12.76 11.71
N MET A 23 1.33 12.05 12.84
CA MET A 23 0.11 11.45 13.37
C MET A 23 -0.86 12.47 13.97
N ALA A 24 -0.35 13.66 14.27
CA ALA A 24 -1.19 14.71 14.85
C ALA A 24 -2.41 14.99 13.98
N ASP A 25 -2.27 14.83 12.67
CA ASP A 25 -3.38 15.07 11.75
C ASP A 25 -4.56 14.13 12.00
N ALA A 26 -4.28 12.91 12.48
CA ALA A 26 -5.37 11.99 12.75
C ALA A 26 -6.17 12.49 13.95
N ALA A 27 -5.46 12.99 14.96
CA ALA A 27 -6.12 13.51 16.14
C ALA A 27 -6.95 14.72 15.76
N ALA A 28 -6.40 15.57 14.90
CA ALA A 28 -7.10 16.75 14.45
C ALA A 28 -8.39 16.39 13.72
N ALA A 29 -8.33 15.38 12.84
CA ALA A 29 -9.50 14.96 12.08
C ALA A 29 -10.59 14.44 13.01
N LEU A 30 -10.21 13.63 13.99
CA LEU A 30 -11.16 13.13 14.96
C LEU A 30 -11.81 14.27 15.75
N ALA A 31 -11.01 15.26 16.12
CA ALA A 31 -11.53 16.36 16.92
C ALA A 31 -12.54 17.18 16.12
N GLU A 32 -12.29 17.31 14.82
CA GLU A 32 -13.21 18.04 13.93
C GLU A 32 -14.61 17.42 13.96
N PHE A 33 -14.66 16.11 14.16
CA PHE A 33 -15.94 15.40 14.24
C PHE A 33 -16.37 15.09 15.67
N ASP A 34 -15.71 15.72 16.63
CA ASP A 34 -16.05 15.53 18.05
C ASP A 34 -16.07 14.06 18.48
N ILE A 35 -15.14 13.27 17.95
CA ILE A 35 -15.01 11.88 18.39
C ILE A 35 -13.97 11.82 19.51
N PRO A 36 -14.38 11.32 20.69
CA PRO A 36 -13.45 11.14 21.81
C PRO A 36 -12.35 10.20 21.40
N ALA A 37 -11.11 10.59 21.66
CA ALA A 37 -9.97 9.80 21.22
C ALA A 37 -8.85 9.89 22.23
N GLU A 38 -7.91 8.95 22.13
CA GLU A 38 -6.74 8.99 22.96
C GLU A 38 -5.53 8.81 22.07
N VAL A 39 -4.38 9.26 22.53
CA VAL A 39 -3.16 9.13 21.76
C VAL A 39 -2.16 8.45 22.66
N ARG A 40 -1.36 7.55 22.08
CA ARG A 40 -0.37 6.82 22.86
C ARG A 40 0.85 6.52 22.04
N VAL A 41 2.01 6.52 22.70
CA VAL A 41 3.19 5.94 22.10
C VAL A 41 3.25 4.48 22.59
N VAL A 42 3.21 3.57 21.63
CA VAL A 42 3.18 2.14 21.84
C VAL A 42 4.05 1.56 20.75
N SER A 43 5.14 0.88 21.12
CA SER A 43 6.08 0.37 20.14
C SER A 43 6.00 -1.16 20.06
N ALA A 44 5.83 -1.67 18.85
CA ALA A 44 5.76 -3.11 18.63
C ALA A 44 7.11 -3.74 18.93
N HIS A 45 8.17 -3.03 18.61
CA HIS A 45 9.52 -3.58 18.75
C HIS A 45 10.17 -3.32 20.10
N ARG A 46 9.80 -2.22 20.75
CA ARG A 46 10.42 -1.83 22.02
C ARG A 46 9.50 -2.01 23.24
N THR A 47 8.19 -2.10 23.01
CA THR A 47 7.25 -2.45 24.08
C THR A 47 6.20 -3.44 23.60
N PRO A 48 6.64 -4.63 23.17
CA PRO A 48 5.71 -5.64 22.65
C PRO A 48 4.66 -6.06 23.67
N GLU A 49 5.01 -6.19 24.94
CA GLU A 49 4.01 -6.55 25.95
C GLU A 49 2.94 -5.44 26.08
N ALA A 50 3.36 -4.18 26.14
CA ALA A 50 2.43 -3.06 26.20
C ALA A 50 1.54 -3.02 24.98
N MET A 51 2.13 -3.29 23.82
CA MET A 51 1.40 -3.29 22.55
CA MET A 51 1.39 -3.28 22.56
C MET A 51 0.33 -4.36 22.58
N PHE A 52 0.71 -5.57 23.00
CA PHE A 52 -0.22 -6.68 23.07
C PHE A 52 -1.37 -6.37 24.03
N SER A 53 -1.05 -5.84 25.20
CA SER A 53 -2.08 -5.45 26.17
C SER A 53 -3.02 -4.36 25.63
N TYR A 54 -2.45 -3.36 24.95
CA TYR A 54 -3.24 -2.27 24.42
C TYR A 54 -4.28 -2.81 23.43
N ALA A 55 -3.83 -3.67 22.53
CA ALA A 55 -4.70 -4.25 21.51
C ALA A 55 -5.76 -5.15 22.12
N ARG A 56 -5.32 -6.04 23.02
CA ARG A 56 -6.24 -6.97 23.66
C ARG A 56 -7.30 -6.24 24.48
N GLY A 57 -6.89 -5.18 25.16
CA GLY A 57 -7.82 -4.46 26.03
C GLY A 57 -8.73 -3.44 25.34
N ALA A 58 -8.45 -3.15 24.07
CA ALA A 58 -9.09 -2.01 23.39
C ALA A 58 -10.62 -2.07 23.41
N ALA A 59 -11.19 -3.17 22.93
CA ALA A 59 -12.64 -3.25 22.81
C ALA A 59 -13.31 -3.13 24.18
N ALA A 60 -12.74 -3.79 25.19
CA ALA A 60 -13.28 -3.72 26.54
C ALA A 60 -13.28 -2.29 27.09
N ARG A 61 -12.29 -1.51 26.70
N ARG A 61 -12.28 -1.51 26.69
CA ARG A 61 -12.19 -0.12 27.15
CA ARG A 61 -12.17 -0.12 27.14
C ARG A 61 -13.19 0.76 26.42
C ARG A 61 -13.16 0.78 26.40
N GLY A 62 -13.80 0.23 25.37
CA GLY A 62 -14.76 0.99 24.59
C GLY A 62 -14.25 1.50 23.26
N LEU A 63 -13.00 1.21 22.92
CA LEU A 63 -12.50 1.61 21.60
C LEU A 63 -13.24 0.87 20.50
N GLU A 64 -13.46 1.56 19.39
CA GLU A 64 -14.11 0.96 18.23
C GLU A 64 -13.19 0.87 17.00
N VAL A 65 -12.12 1.67 16.99
CA VAL A 65 -11.19 1.68 15.88
C VAL A 65 -9.83 2.05 16.46
N ILE A 66 -8.75 1.47 15.94
CA ILE A 66 -7.41 1.89 16.32
C ILE A 66 -6.67 2.36 15.08
N ILE A 67 -6.10 3.57 15.15
CA ILE A 67 -5.25 4.09 14.08
C ILE A 67 -3.83 3.91 14.59
N ALA A 68 -2.98 3.26 13.80
CA ALA A 68 -1.60 3.01 14.24
C ALA A 68 -0.63 3.45 13.16
N GLY A 69 0.37 4.24 13.55
CA GLY A 69 1.38 4.68 12.60
C GLY A 69 2.74 4.07 12.92
N ALA A 70 3.45 3.67 11.88
CA ALA A 70 4.80 3.12 12.03
C ALA A 70 5.57 3.27 10.73
N GLY A 71 6.90 3.29 10.84
CA GLY A 71 7.77 3.45 9.68
C GLY A 71 8.77 2.35 9.50
N GLY A 72 9.34 2.27 8.29
CA GLY A 72 10.36 1.28 7.99
C GLY A 72 9.75 -0.10 7.92
N ALA A 73 10.37 -1.05 8.60
CA ALA A 73 9.74 -2.34 8.85
C ALA A 73 8.63 -2.09 9.86
N ALA A 74 7.51 -1.60 9.35
CA ALA A 74 6.43 -1.08 10.17
C ALA A 74 5.50 -2.23 10.54
N HIS A 75 5.62 -2.69 11.78
CA HIS A 75 4.89 -3.88 12.21
C HIS A 75 3.74 -3.57 13.18
N LEU A 76 3.71 -2.36 13.73
CA LEU A 76 2.73 -2.01 14.74
C LEU A 76 1.26 -2.21 14.29
N PRO A 77 0.87 -1.66 13.13
CA PRO A 77 -0.53 -1.89 12.73
C PRO A 77 -0.90 -3.36 12.62
N GLY A 78 -0.03 -4.16 12.00
CA GLY A 78 -0.34 -5.56 11.77
C GLY A 78 -0.41 -6.35 13.07
N MET A 79 0.51 -6.06 13.97
CA MET A 79 0.54 -6.79 15.24
C MET A 79 -0.63 -6.40 16.14
N VAL A 80 -1.04 -5.14 16.07
CA VAL A 80 -2.24 -4.72 16.79
C VAL A 80 -3.46 -5.44 16.20
N ALA A 81 -3.55 -5.48 14.88
CA ALA A 81 -4.68 -6.14 14.23
C ALA A 81 -4.72 -7.63 14.57
N ALA A 82 -3.55 -8.23 14.77
CA ALA A 82 -3.46 -9.65 15.11
C ALA A 82 -4.11 -9.94 16.46
N ALA A 83 -4.15 -8.92 17.33
CA ALA A 83 -4.52 -9.11 18.73
C ALA A 83 -5.90 -8.57 19.13
N THR A 84 -6.60 -7.95 18.19
CA THR A 84 -7.92 -7.39 18.46
C THR A 84 -8.91 -7.76 17.35
N PRO A 85 -10.21 -7.82 17.67
CA PRO A 85 -11.19 -8.00 16.58
C PRO A 85 -11.55 -6.68 15.93
N LEU A 86 -11.09 -5.57 16.51
CA LEU A 86 -11.45 -4.25 16.00
C LEU A 86 -10.76 -3.96 14.67
N PRO A 87 -11.38 -3.12 13.84
CA PRO A 87 -10.70 -2.65 12.63
C PRO A 87 -9.49 -1.78 12.98
N VAL A 88 -8.38 -2.00 12.29
CA VAL A 88 -7.17 -1.25 12.54
C VAL A 88 -6.78 -0.54 11.27
N ILE A 89 -6.48 0.75 11.38
CA ILE A 89 -6.06 1.56 10.25
C ILE A 89 -4.57 1.82 10.41
N GLY A 90 -3.79 1.52 9.37
CA GLY A 90 -2.34 1.67 9.44
C GLY A 90 -1.89 2.88 8.63
N VAL A 91 -1.09 3.73 9.25
CA VAL A 91 -0.54 4.90 8.57
C VAL A 91 0.95 4.68 8.35
N PRO A 92 1.36 4.53 7.09
CA PRO A 92 2.80 4.37 6.84
C PRO A 92 3.50 5.69 7.08
N VAL A 93 4.46 5.69 8.00
CA VAL A 93 5.24 6.88 8.30
C VAL A 93 6.55 6.83 7.53
N PRO A 94 6.81 7.84 6.69
CA PRO A 94 8.04 7.79 5.89
C PRO A 94 9.23 8.09 6.77
N LEU A 95 10.29 7.28 6.67
CA LEU A 95 11.50 7.58 7.44
C LEU A 95 12.56 8.25 6.57
N GLY A 96 13.82 8.21 7.01
CA GLY A 96 14.88 8.92 6.32
C GLY A 96 15.19 8.44 4.92
N ARG A 97 14.93 7.16 4.65
CA ARG A 97 15.21 6.59 3.35
C ARG A 97 14.01 5.82 2.81
N LEU A 98 13.85 5.83 1.49
CA LEU A 98 12.82 5.07 0.79
C LEU A 98 11.43 5.73 0.76
N ASP A 99 11.32 6.91 1.37
CA ASP A 99 10.11 7.75 1.26
C ASP A 99 8.85 7.03 1.72
N GLY A 100 8.99 6.14 2.69
CA GLY A 100 7.85 5.41 3.20
C GLY A 100 7.39 4.25 2.33
N LEU A 101 8.14 3.91 1.29
CA LEU A 101 7.79 2.74 0.48
C LEU A 101 7.93 1.46 1.30
N ASP A 102 8.97 1.36 2.11
CA ASP A 102 9.09 0.24 3.05
C ASP A 102 7.92 0.24 4.05
N SER A 103 7.59 1.40 4.59
CA SER A 103 6.50 1.50 5.54
C SER A 103 5.19 1.01 4.92
N LEU A 104 4.94 1.44 3.70
CA LEU A 104 3.72 1.08 3.00
C LEU A 104 3.59 -0.44 2.76
N LEU A 105 4.63 -1.04 2.19
CA LEU A 105 4.57 -2.47 1.90
C LEU A 105 4.50 -3.28 3.18
N SER A 106 5.23 -2.84 4.20
CA SER A 106 5.21 -3.49 5.53
C SER A 106 3.83 -3.49 6.19
N ILE A 107 2.99 -2.51 5.85
CA ILE A 107 1.65 -2.43 6.44
C ILE A 107 0.59 -3.05 5.56
N VAL A 108 0.63 -2.74 4.27
CA VAL A 108 -0.51 -3.10 3.43
C VAL A 108 -0.52 -4.58 3.02
N GLN A 109 0.66 -5.19 2.88
CA GLN A 109 0.76 -6.53 2.30
C GLN A 109 0.46 -7.69 3.24
N MET A 110 -0.52 -7.51 4.13
CA MET A 110 -0.91 -8.56 5.07
C MET A 110 -1.42 -9.79 4.33
N PRO A 111 -0.85 -10.95 4.62
CA PRO A 111 -1.37 -12.21 4.05
C PRO A 111 -2.79 -12.51 4.52
N ALA A 112 -3.44 -13.46 3.84
CA ALA A 112 -4.81 -13.82 4.17
C ALA A 112 -4.98 -14.14 5.66
N GLY A 113 -6.02 -13.56 6.26
CA GLY A 113 -6.42 -13.87 7.61
C GLY A 113 -6.52 -12.69 8.54
N VAL A 114 -5.62 -11.71 8.38
CA VAL A 114 -5.58 -10.56 9.27
C VAL A 114 -5.44 -9.26 8.48
N PRO A 115 -6.54 -8.51 8.34
CA PRO A 115 -6.50 -7.32 7.49
C PRO A 115 -6.05 -6.08 8.24
N VAL A 116 -5.40 -5.17 7.51
CA VAL A 116 -5.14 -3.82 8.01
C VAL A 116 -5.60 -2.81 6.96
N ALA A 117 -6.42 -1.85 7.39
CA ALA A 117 -6.88 -0.81 6.50
C ALA A 117 -5.76 0.21 6.33
N THR A 118 -5.15 0.24 5.14
CA THR A 118 -3.98 1.09 4.95
C THR A 118 -4.32 2.39 4.22
N VAL A 119 -3.80 3.49 4.73
CA VAL A 119 -3.94 4.80 4.07
C VAL A 119 -2.61 5.25 3.45
N SER A 120 -2.63 6.42 2.81
CA SER A 120 -1.46 6.93 2.09
C SER A 120 -0.28 7.13 3.02
N ILE A 121 0.91 7.13 2.43
CA ILE A 121 2.12 7.44 3.16
C ILE A 121 1.96 8.82 3.77
N GLY A 122 2.12 8.89 5.09
CA GLY A 122 1.94 10.12 5.83
C GLY A 122 0.50 10.57 6.00
N GLY A 123 -0.45 9.74 5.57
CA GLY A 123 -1.84 10.15 5.50
C GLY A 123 -2.64 10.02 6.79
N ALA A 124 -2.10 10.55 7.88
CA ALA A 124 -2.76 10.46 9.19
C ALA A 124 -4.11 11.18 9.21
N GLY A 125 -4.19 12.32 8.51
CA GLY A 125 -5.45 13.04 8.44
C GLY A 125 -6.53 12.14 7.87
N ASN A 126 -6.19 11.45 6.80
CA ASN A 126 -7.15 10.56 6.15
C ASN A 126 -7.47 9.35 7.01
N ALA A 127 -6.52 8.92 7.83
CA ALA A 127 -6.80 7.83 8.74
C ALA A 127 -7.89 8.28 9.72
N GLY A 128 -7.79 9.52 10.17
CA GLY A 128 -8.80 10.09 11.06
C GLY A 128 -10.17 10.13 10.39
N LEU A 129 -10.19 10.62 9.15
CA LEU A 129 -11.44 10.67 8.37
C LEU A 129 -11.99 9.26 8.11
N LEU A 130 -11.10 8.30 7.86
CA LEU A 130 -11.56 6.94 7.63
C LEU A 130 -12.20 6.35 8.90
N ALA A 131 -11.59 6.63 10.06
CA ALA A 131 -12.15 6.15 11.33
C ALA A 131 -13.54 6.73 11.49
N VAL A 132 -13.70 8.00 11.15
CA VAL A 132 -15.00 8.66 11.28
C VAL A 132 -16.02 8.01 10.36
N ARG A 133 -15.62 7.67 9.14
CA ARG A 133 -16.53 6.99 8.23
C ARG A 133 -16.92 5.61 8.79
N MET A 134 -15.97 4.94 9.43
CA MET A 134 -16.26 3.64 10.02
C MET A 134 -17.31 3.80 11.12
N LEU A 135 -17.15 4.83 11.94
CA LEU A 135 -18.11 5.11 13.01
C LEU A 135 -19.45 5.56 12.46
N GLY A 136 -19.43 6.12 11.25
CA GLY A 136 -20.64 6.65 10.66
C GLY A 136 -21.46 5.62 9.91
N ALA A 137 -20.86 4.47 9.62
CA ALA A 137 -21.46 3.51 8.70
C ALA A 137 -22.90 3.16 9.07
N ALA A 138 -23.16 3.00 10.35
CA ALA A 138 -24.50 2.65 10.84
C ALA A 138 -25.03 3.68 11.83
N ASN A 139 -24.51 4.89 11.76
CA ASN A 139 -24.92 5.99 12.63
C ASN A 139 -25.36 7.16 11.76
N PRO A 140 -26.65 7.21 11.43
CA PRO A 140 -27.16 8.20 10.48
C PRO A 140 -26.81 9.63 10.86
N GLN A 141 -26.83 9.96 12.15
CA GLN A 141 -26.50 11.32 12.55
C GLN A 141 -25.06 11.67 12.19
N LEU A 142 -24.13 10.79 12.55
CA LEU A 142 -22.73 11.02 12.22
C LEU A 142 -22.52 10.99 10.71
N ARG A 143 -23.23 10.11 10.03
CA ARG A 143 -23.09 10.02 8.58
C ARG A 143 -23.51 11.34 7.92
N ALA A 144 -24.59 11.95 8.42
CA ALA A 144 -25.01 13.25 7.90
C ALA A 144 -23.94 14.31 8.14
N ARG A 145 -23.23 14.20 9.25
CA ARG A 145 -22.13 15.12 9.53
C ARG A 145 -20.99 14.95 8.53
N ILE A 146 -20.74 13.71 8.12
CA ILE A 146 -19.72 13.47 7.10
C ILE A 146 -20.14 14.10 5.77
N VAL A 147 -21.40 13.91 5.40
CA VAL A 147 -21.90 14.51 4.16
C VAL A 147 -21.74 16.03 4.18
N ALA A 148 -22.04 16.65 5.31
CA ALA A 148 -21.89 18.10 5.43
C ALA A 148 -20.43 18.50 5.27
N PHE A 149 -19.54 17.74 5.91
CA PHE A 149 -18.10 17.96 5.79
C PHE A 149 -17.67 17.94 4.32
N GLN A 150 -18.19 16.96 3.58
CA GLN A 150 -17.86 16.83 2.17
C GLN A 150 -18.33 18.01 1.35
N ASP A 151 -19.54 18.50 1.64
CA ASP A 151 -20.08 19.67 0.95
C ASP A 151 -19.15 20.86 1.19
N ARG A 152 -18.70 21.02 2.44
CA ARG A 152 -17.82 22.13 2.78
C ARG A 152 -16.45 22.01 2.12
N LEU A 153 -15.93 20.78 2.01
CA LEU A 153 -14.70 20.54 1.27
C LEU A 153 -14.80 21.11 -0.14
N ALA A 154 -15.95 20.89 -0.79
CA ALA A 154 -16.16 21.37 -2.13
C ALA A 154 -16.07 22.89 -2.17
N ASP A 155 -16.58 23.54 -1.14
CA ASP A 155 -16.53 25.00 -1.05
C ASP A 155 -15.08 25.51 -1.00
N VAL A 156 -14.22 24.77 -0.29
CA VAL A 156 -12.81 25.13 -0.21
C VAL A 156 -12.18 25.10 -1.59
N VAL A 157 -12.51 24.09 -2.39
CA VAL A 157 -11.97 23.99 -3.74
C VAL A 157 -12.36 25.22 -4.57
N ALA A 158 -13.61 25.65 -4.44
CA ALA A 158 -14.06 26.84 -5.17
C ALA A 158 -13.24 28.06 -4.80
N ALA A 159 -12.84 28.16 -3.53
CA ALA A 159 -11.98 29.26 -3.08
C ALA A 159 -10.58 29.14 -3.68
N LYS A 160 -10.04 27.92 -3.70
CA LYS A 160 -8.75 27.68 -4.36
C LYS A 160 -8.79 28.03 -5.85
N ASP A 161 -9.88 27.67 -6.51
CA ASP A 161 -10.05 27.99 -7.92
C ASP A 161 -10.05 29.50 -8.14
N ALA A 162 -10.67 30.23 -7.20
CA ALA A 162 -10.66 31.68 -7.25
C ALA A 162 -9.24 32.21 -7.16
N GLU A 163 -8.48 31.66 -6.22
CA GLU A 163 -7.07 32.03 -6.05
C GLU A 163 -6.27 31.76 -7.33
N LEU A 164 -6.52 30.62 -7.95
CA LEU A 164 -5.84 30.31 -9.21
C LEU A 164 -6.14 31.34 -10.32
N GLN A 165 -7.42 31.71 -10.49
CA GLN A 165 -7.74 32.70 -11.52
C GLN A 165 -6.85 33.92 -11.35
N ARG A 166 -6.68 34.33 -10.10
CA ARG A 166 -5.85 35.46 -9.76
C ARG A 166 -4.37 35.23 -10.11
N LEU A 167 -3.84 34.08 -9.73
CA LEU A 167 -2.44 33.77 -10.01
C LEU A 167 -2.17 33.72 -11.51
N ALA A 168 -3.13 33.21 -12.26
CA ALA A 168 -3.01 33.11 -13.71
C ALA A 168 -3.24 34.46 -14.38
N GLY A 169 -3.08 35.55 -13.63
CA GLY A 169 -3.26 36.88 -14.18
C GLY A 169 -2.13 37.84 -13.84
N ARG B 7 -13.79 31.97 -25.10
CA ARG B 7 -13.02 31.68 -26.30
C ARG B 7 -11.91 30.63 -26.15
N PRO B 8 -11.81 29.96 -24.98
CA PRO B 8 -10.68 29.03 -24.81
C PRO B 8 -10.76 27.80 -25.71
N ARG B 9 -9.60 27.34 -26.18
CA ARG B 9 -9.52 26.10 -26.96
C ARG B 9 -8.94 24.95 -26.14
N VAL B 10 -8.20 25.28 -25.09
CA VAL B 10 -7.57 24.28 -24.23
C VAL B 10 -7.88 24.60 -22.78
N GLY B 11 -8.23 23.59 -22.00
CA GLY B 11 -8.43 23.77 -20.57
C GLY B 11 -7.24 23.20 -19.82
N VAL B 12 -6.76 23.95 -18.83
CA VAL B 12 -5.65 23.49 -18.00
C VAL B 12 -6.18 23.40 -16.59
N ILE B 13 -6.37 22.17 -16.12
CA ILE B 13 -6.99 22.00 -14.82
C ILE B 13 -6.12 21.20 -13.87
N MET B 14 -6.42 21.32 -12.57
CA MET B 14 -5.60 20.67 -11.55
C MET B 14 -6.41 20.52 -10.27
N GLY B 15 -6.01 19.57 -9.44
CA GLY B 15 -6.77 19.26 -8.24
C GLY B 15 -6.66 20.27 -7.11
N SER B 16 -5.60 21.08 -7.12
CA SER B 16 -5.34 22.01 -6.03
C SER B 16 -4.54 23.19 -6.56
N ASP B 17 -4.68 24.37 -5.94
CA ASP B 17 -3.88 25.50 -6.35
C ASP B 17 -2.41 25.25 -6.05
N SER B 18 -2.15 24.27 -5.19
CA SER B 18 -0.78 23.90 -4.85
C SER B 18 -0.07 23.22 -6.03
N ASP B 19 -0.86 22.82 -7.02
CA ASP B 19 -0.31 22.23 -8.24
C ASP B 19 0.20 23.30 -9.21
N TRP B 20 -0.12 24.56 -8.94
CA TRP B 20 0.17 25.63 -9.91
C TRP B 20 1.67 25.81 -10.24
N PRO B 21 2.55 25.72 -9.24
CA PRO B 21 3.97 25.86 -9.57
C PRO B 21 4.41 24.93 -10.72
N VAL B 22 3.81 23.75 -10.80
CA VAL B 22 4.03 22.86 -11.95
C VAL B 22 3.16 23.23 -13.15
N MET B 23 1.85 23.33 -12.94
CA MET B 23 0.93 23.48 -14.07
C MET B 23 1.04 24.81 -14.79
N ALA B 24 1.61 25.82 -14.13
CA ALA B 24 1.82 27.11 -14.78
C ALA B 24 2.56 26.98 -16.12
N ASP B 25 3.48 26.03 -16.18
CA ASP B 25 4.27 25.81 -17.38
C ASP B 25 3.39 25.45 -18.59
N ALA B 26 2.29 24.76 -18.36
CA ALA B 26 1.37 24.42 -19.44
C ALA B 26 0.71 25.69 -19.99
N ALA B 27 0.28 26.57 -19.09
CA ALA B 27 -0.33 27.84 -19.49
C ALA B 27 0.69 28.68 -20.27
N ALA B 28 1.94 28.66 -19.82
CA ALA B 28 2.99 29.43 -20.47
C ALA B 28 3.22 28.93 -21.90
N ALA B 29 3.30 27.62 -22.08
CA ALA B 29 3.53 27.03 -23.40
C ALA B 29 2.39 27.39 -24.36
N LEU B 30 1.15 27.28 -23.89
CA LEU B 30 0.00 27.62 -24.70
C LEU B 30 0.03 29.09 -25.11
N ALA B 31 0.40 29.96 -24.15
CA ALA B 31 0.49 31.38 -24.42
C ALA B 31 1.56 31.70 -25.46
N GLU B 32 2.64 30.92 -25.47
CA GLU B 32 3.70 31.14 -26.46
C GLU B 32 3.21 30.90 -27.88
N PHE B 33 2.17 30.07 -28.02
CA PHE B 33 1.60 29.81 -29.34
C PHE B 33 0.27 30.55 -29.54
N ASP B 34 -0.03 31.47 -28.63
CA ASP B 34 -1.26 32.27 -28.71
C ASP B 34 -2.51 31.42 -28.78
N ILE B 35 -2.52 30.31 -28.06
CA ILE B 35 -3.69 29.46 -27.97
C ILE B 35 -4.49 29.88 -26.75
N PRO B 36 -5.73 30.34 -26.96
CA PRO B 36 -6.59 30.76 -25.85
C PRO B 36 -6.83 29.59 -24.91
N ALA B 37 -6.69 29.82 -23.61
CA ALA B 37 -6.80 28.75 -22.65
C ALA B 37 -7.46 29.25 -21.39
N GLU B 38 -8.04 28.32 -20.65
CA GLU B 38 -8.60 28.64 -19.36
C GLU B 38 -7.90 27.75 -18.34
N VAL B 39 -7.88 28.20 -17.09
CA VAL B 39 -7.28 27.41 -16.03
C VAL B 39 -8.33 27.24 -14.95
N ARG B 40 -8.29 26.10 -14.28
CA ARG B 40 -9.29 25.82 -13.27
C ARG B 40 -8.75 24.88 -12.21
N VAL B 41 -9.13 25.12 -10.96
CA VAL B 41 -8.94 24.10 -9.94
C VAL B 41 -10.23 23.28 -9.89
N VAL B 42 -10.08 22.00 -10.19
CA VAL B 42 -11.18 21.05 -10.32
C VAL B 42 -10.68 19.77 -9.68
N SER B 43 -11.30 19.35 -8.59
CA SER B 43 -10.84 18.15 -7.87
C SER B 43 -11.73 16.95 -8.16
N ALA B 44 -11.14 15.86 -8.64
CA ALA B 44 -11.89 14.62 -8.84
C ALA B 44 -12.39 14.07 -7.51
N HIS B 45 -11.60 14.25 -6.46
CA HIS B 45 -11.95 13.63 -5.18
C HIS B 45 -12.79 14.52 -4.29
N ARG B 46 -12.52 15.81 -4.30
CA ARG B 46 -13.23 16.73 -3.41
C ARG B 46 -14.39 17.47 -4.09
N THR B 47 -14.37 17.53 -5.42
CA THR B 47 -15.51 18.09 -6.18
C THR B 47 -15.87 17.22 -7.39
N PRO B 48 -16.24 15.95 -7.14
CA PRO B 48 -16.57 15.03 -8.24
C PRO B 48 -17.71 15.55 -9.14
N GLU B 49 -18.71 16.19 -8.54
CA GLU B 49 -19.79 16.75 -9.35
C GLU B 49 -19.30 17.85 -10.29
N ALA B 50 -18.53 18.79 -9.75
CA ALA B 50 -17.94 19.84 -10.57
C ALA B 50 -17.02 19.28 -11.65
N MET B 51 -16.27 18.23 -11.29
N MET B 51 -16.24 18.25 -11.30
CA MET B 51 -15.33 17.58 -12.20
CA MET B 51 -15.36 17.65 -12.28
C MET B 51 -16.10 16.97 -13.38
C MET B 51 -16.17 17.06 -13.42
N PHE B 52 -17.17 16.26 -13.06
CA PHE B 52 -18.00 15.61 -14.06
C PHE B 52 -18.65 16.65 -14.99
N SER B 53 -19.18 17.72 -14.42
CA SER B 53 -19.76 18.79 -15.22
C SER B 53 -18.73 19.47 -16.13
N TYR B 54 -17.52 19.66 -15.61
CA TYR B 54 -16.46 20.26 -16.42
C TYR B 54 -16.16 19.39 -17.64
N ALA B 55 -16.00 18.09 -17.40
CA ALA B 55 -15.66 17.16 -18.46
C ALA B 55 -16.79 17.01 -19.48
N ARG B 56 -18.00 16.80 -18.98
CA ARG B 56 -19.17 16.66 -19.85
C ARG B 56 -19.42 17.90 -20.71
N GLY B 57 -19.20 19.08 -20.14
CA GLY B 57 -19.50 20.31 -20.85
C GLY B 57 -18.40 20.83 -21.74
N ALA B 58 -17.22 20.23 -21.64
CA ALA B 58 -16.04 20.76 -22.34
C ALA B 58 -16.24 20.95 -23.84
N ALA B 59 -16.70 19.90 -24.51
CA ALA B 59 -16.88 19.93 -25.96
C ALA B 59 -17.90 20.99 -26.37
N ALA B 60 -19.01 21.05 -25.64
CA ALA B 60 -20.06 22.03 -25.91
C ALA B 60 -19.54 23.46 -25.76
N ARG B 61 -18.59 23.63 -24.86
CA ARG B 61 -18.03 24.94 -24.55
C ARG B 61 -16.95 25.33 -25.56
N GLY B 62 -16.64 24.43 -26.48
CA GLY B 62 -15.69 24.71 -27.55
C GLY B 62 -14.25 24.29 -27.27
N LEU B 63 -14.00 23.58 -26.17
CA LEU B 63 -12.67 23.09 -25.90
C LEU B 63 -12.31 21.96 -26.87
N GLU B 64 -11.04 21.87 -27.22
CA GLU B 64 -10.54 20.82 -28.10
C GLU B 64 -9.60 19.85 -27.39
N VAL B 65 -8.96 20.32 -26.32
CA VAL B 65 -8.03 19.49 -25.55
C VAL B 65 -8.13 19.89 -24.08
N ILE B 66 -8.00 18.93 -23.18
CA ILE B 66 -7.92 19.26 -21.76
C ILE B 66 -6.58 18.74 -21.24
N ILE B 67 -5.84 19.59 -20.54
CA ILE B 67 -4.61 19.20 -19.83
C ILE B 67 -4.97 19.15 -18.36
N ALA B 68 -4.76 18.01 -17.71
CA ALA B 68 -5.14 17.83 -16.31
C ALA B 68 -3.95 17.35 -15.48
N GLY B 69 -3.69 18.04 -14.38
CA GLY B 69 -2.61 17.64 -13.50
C GLY B 69 -3.13 17.18 -12.16
N ALA B 70 -2.50 16.16 -11.60
CA ALA B 70 -2.83 15.71 -10.26
C ALA B 70 -1.70 14.85 -9.73
N GLY B 71 -1.65 14.71 -8.41
CA GLY B 71 -0.58 13.95 -7.79
C GLY B 71 -1.08 12.86 -6.86
N GLY B 72 -0.17 11.98 -6.46
CA GLY B 72 -0.50 10.87 -5.57
C GLY B 72 -1.32 9.85 -6.31
N ALA B 73 -2.45 9.45 -5.71
CA ALA B 73 -3.45 8.66 -6.40
C ALA B 73 -4.18 9.63 -7.33
N ALA B 74 -3.63 9.80 -8.53
CA ALA B 74 -4.04 10.87 -9.41
C ALA B 74 -5.11 10.37 -10.36
N HIS B 75 -6.35 10.74 -10.08
CA HIS B 75 -7.48 10.21 -10.83
C HIS B 75 -8.11 11.24 -11.75
N LEU B 76 -7.73 12.51 -11.58
CA LEU B 76 -8.38 13.58 -12.34
C LEU B 76 -8.28 13.39 -13.88
N PRO B 77 -7.06 13.17 -14.41
CA PRO B 77 -7.00 13.04 -15.88
C PRO B 77 -7.88 11.89 -16.38
N GLY B 78 -7.85 10.77 -15.69
CA GLY B 78 -8.58 9.59 -16.14
C GLY B 78 -10.08 9.76 -16.06
N MET B 79 -10.54 10.41 -15.00
CA MET B 79 -11.99 10.60 -14.82
C MET B 79 -12.53 11.66 -15.76
N VAL B 80 -11.71 12.66 -16.07
CA VAL B 80 -12.11 13.63 -17.06
C VAL B 80 -12.18 12.92 -18.43
N ALA B 81 -11.16 12.12 -18.75
CA ALA B 81 -11.13 11.42 -20.03
C ALA B 81 -12.32 10.46 -20.19
N ALA B 82 -12.77 9.89 -19.07
CA ALA B 82 -13.92 8.98 -19.07
C ALA B 82 -15.21 9.68 -19.47
N ALA B 83 -15.26 10.99 -19.26
CA ALA B 83 -16.52 11.73 -19.42
C ALA B 83 -16.59 12.66 -20.64
N THR B 84 -15.53 12.70 -21.44
CA THR B 84 -15.48 13.56 -22.64
C THR B 84 -14.94 12.78 -23.83
N PRO B 85 -15.34 13.16 -25.06
CA PRO B 85 -14.69 12.55 -26.23
C PRO B 85 -13.37 13.24 -26.59
N LEU B 86 -13.09 14.37 -25.95
CA LEU B 86 -11.87 15.11 -26.25
C LEU B 86 -10.62 14.37 -25.77
N PRO B 87 -9.49 14.60 -26.45
CA PRO B 87 -8.23 14.09 -25.93
C PRO B 87 -7.85 14.79 -24.62
N VAL B 88 -7.43 14.00 -23.65
CA VAL B 88 -7.00 14.51 -22.36
C VAL B 88 -5.53 14.20 -22.16
N ILE B 89 -4.76 15.22 -21.80
CA ILE B 89 -3.33 15.06 -21.48
C ILE B 89 -3.18 15.08 -19.96
N GLY B 90 -2.52 14.05 -19.41
CA GLY B 90 -2.37 13.97 -17.98
C GLY B 90 -0.96 14.34 -17.55
N VAL B 91 -0.84 15.24 -16.58
CA VAL B 91 0.45 15.62 -16.05
C VAL B 91 0.61 15.06 -14.64
N PRO B 92 1.53 14.10 -14.44
CA PRO B 92 1.73 13.61 -13.08
C PRO B 92 2.43 14.66 -12.24
N VAL B 93 1.78 15.09 -11.16
CA VAL B 93 2.37 16.08 -10.28
C VAL B 93 3.04 15.36 -9.12
N PRO B 94 4.35 15.60 -8.93
CA PRO B 94 5.05 14.91 -7.84
C PRO B 94 4.69 15.54 -6.51
N LEU B 95 4.35 14.71 -5.53
CA LEU B 95 4.00 15.21 -4.20
C LEU B 95 5.19 15.02 -3.26
N GLY B 96 4.93 15.04 -1.96
CA GLY B 96 5.99 14.97 -0.96
C GLY B 96 6.80 13.67 -0.93
N ARG B 97 6.16 12.57 -1.28
CA ARG B 97 6.85 11.28 -1.26
C ARG B 97 6.67 10.55 -2.57
N LEU B 98 7.68 9.77 -2.93
CA LEU B 98 7.65 8.91 -4.12
C LEU B 98 7.98 9.60 -5.46
N ASP B 99 8.21 10.92 -5.42
CA ASP B 99 8.74 11.65 -6.57
C ASP B 99 7.84 11.56 -7.80
N GLY B 100 6.54 11.44 -7.57
CA GLY B 100 5.59 11.39 -8.66
C GLY B 100 5.48 10.04 -9.33
N LEU B 101 6.15 9.02 -8.79
CA LEU B 101 6.00 7.68 -9.36
C LEU B 101 4.56 7.19 -9.19
N ASP B 102 3.97 7.45 -8.03
CA ASP B 102 2.56 7.13 -7.81
C ASP B 102 1.66 7.93 -8.78
N SER B 103 1.96 9.21 -8.93
CA SER B 103 1.20 10.04 -9.85
C SER B 103 1.27 9.47 -11.27
N LEU B 104 2.47 9.10 -11.69
CA LEU B 104 2.68 8.58 -13.04
C LEU B 104 1.87 7.31 -13.30
N LEU B 105 2.04 6.32 -12.42
CA LEU B 105 1.35 5.06 -12.63
C LEU B 105 -0.16 5.22 -12.57
N SER B 106 -0.65 6.06 -11.65
CA SER B 106 -2.09 6.36 -11.53
C SER B 106 -2.68 6.99 -12.80
N ILE B 107 -1.88 7.73 -13.54
CA ILE B 107 -2.37 8.39 -14.74
C ILE B 107 -2.17 7.54 -15.99
N VAL B 108 -0.98 6.96 -16.14
CA VAL B 108 -0.64 6.32 -17.42
C VAL B 108 -1.28 4.95 -17.63
N GLN B 109 -1.49 4.21 -16.55
CA GLN B 109 -1.85 2.79 -16.64
C GLN B 109 -3.34 2.52 -16.87
N MET B 110 -4.00 3.38 -17.64
CA MET B 110 -5.42 3.23 -17.94
C MET B 110 -5.66 1.92 -18.67
N PRO B 111 -6.62 1.12 -18.18
CA PRO B 111 -7.02 -0.09 -18.89
C PRO B 111 -7.67 0.23 -20.25
N ALA B 112 -7.83 -0.81 -21.06
CA ALA B 112 -8.37 -0.67 -22.40
C ALA B 112 -9.72 0.02 -22.39
N GLY B 113 -9.89 1.01 -23.26
CA GLY B 113 -11.18 1.67 -23.41
C GLY B 113 -11.15 3.18 -23.27
N VAL B 114 -10.32 3.68 -22.35
CA VAL B 114 -10.25 5.10 -22.04
C VAL B 114 -8.80 5.58 -21.96
N PRO B 115 -8.31 6.24 -23.00
CA PRO B 115 -6.90 6.65 -23.02
C PRO B 115 -6.65 8.00 -22.36
N VAL B 116 -5.46 8.13 -21.80
CA VAL B 116 -4.96 9.42 -21.36
C VAL B 116 -3.55 9.59 -21.91
N ALA B 117 -3.33 10.70 -22.59
CA ALA B 117 -1.99 11.04 -23.07
C ALA B 117 -1.14 11.53 -21.91
N THR B 118 -0.16 10.75 -21.49
CA THR B 118 0.57 11.08 -20.28
C THR B 118 1.93 11.67 -20.64
N VAL B 119 2.30 12.75 -19.95
CA VAL B 119 3.62 13.33 -20.13
C VAL B 119 4.48 13.09 -18.88
N SER B 120 5.71 13.62 -18.91
CA SER B 120 6.66 13.32 -17.85
C SER B 120 6.19 13.87 -16.52
N ILE B 121 6.77 13.34 -15.46
CA ILE B 121 6.47 13.83 -14.12
C ILE B 121 6.85 15.30 -14.06
N GLY B 122 5.90 16.15 -13.68
CA GLY B 122 6.12 17.59 -13.65
C GLY B 122 6.15 18.26 -15.02
N GLY B 123 5.86 17.51 -16.08
CA GLY B 123 6.09 18.00 -17.43
C GLY B 123 4.94 18.82 -18.01
N ALA B 124 4.50 19.81 -17.27
CA ALA B 124 3.35 20.62 -17.71
C ALA B 124 3.69 21.39 -18.97
N GLY B 125 4.93 21.86 -19.07
CA GLY B 125 5.35 22.59 -20.26
C GLY B 125 5.15 21.75 -21.50
N ASN B 126 5.59 20.50 -21.42
CA ASN B 126 5.42 19.56 -22.53
C ASN B 126 3.97 19.20 -22.80
N ALA B 127 3.15 19.22 -21.76
CA ALA B 127 1.73 18.99 -21.98
C ALA B 127 1.16 20.11 -22.86
N GLY B 128 1.60 21.34 -22.58
CA GLY B 128 1.23 22.48 -23.41
C GLY B 128 1.71 22.32 -24.85
N LEU B 129 2.97 21.95 -25.02
CA LEU B 129 3.50 21.72 -26.36
C LEU B 129 2.76 20.60 -27.08
N LEU B 130 2.39 19.56 -26.35
CA LEU B 130 1.64 18.45 -26.93
C LEU B 130 0.26 18.90 -27.40
N ALA B 131 -0.42 19.68 -26.59
CA ALA B 131 -1.72 20.21 -26.99
C ALA B 131 -1.58 21.02 -28.27
N VAL B 132 -0.53 21.82 -28.36
CA VAL B 132 -0.25 22.60 -29.55
C VAL B 132 -0.05 21.72 -30.78
N ARG B 133 0.73 20.63 -30.64
CA ARG B 133 0.85 19.67 -31.74
C ARG B 133 -0.49 19.05 -32.15
N MET B 134 -1.36 18.76 -31.18
CA MET B 134 -2.64 18.15 -31.52
C MET B 134 -3.45 19.16 -32.34
N LEU B 135 -3.38 20.43 -31.95
CA LEU B 135 -4.12 21.47 -32.65
C LEU B 135 -3.51 21.78 -34.01
N GLY B 136 -2.21 21.54 -34.14
CA GLY B 136 -1.48 21.88 -35.34
C GLY B 136 -1.50 20.80 -36.41
N ALA B 137 -1.82 19.58 -36.01
CA ALA B 137 -1.71 18.42 -36.92
C ALA B 137 -2.36 18.71 -38.27
N ALA B 138 -3.48 19.42 -38.24
CA ALA B 138 -4.23 19.72 -39.47
C ALA B 138 -4.14 21.19 -39.88
N ASN B 139 -3.82 22.07 -38.94
CA ASN B 139 -3.80 23.50 -39.20
C ASN B 139 -2.46 23.99 -39.73
N PRO B 140 -2.41 24.35 -41.02
CA PRO B 140 -1.17 24.72 -41.70
C PRO B 140 -0.38 25.83 -41.03
N GLN B 141 -1.02 26.93 -40.63
CA GLN B 141 -0.28 28.03 -40.01
C GLN B 141 0.34 27.55 -38.70
N LEU B 142 -0.47 26.90 -37.86
CA LEU B 142 -0.01 26.47 -36.57
C LEU B 142 1.10 25.42 -36.72
N ARG B 143 0.96 24.52 -37.69
CA ARG B 143 2.00 23.52 -37.89
C ARG B 143 3.32 24.16 -38.29
N ALA B 144 3.27 25.22 -39.08
CA ALA B 144 4.46 25.97 -39.45
C ALA B 144 5.09 26.64 -38.24
N ARG B 145 4.25 27.15 -37.34
CA ARG B 145 4.74 27.73 -36.09
C ARG B 145 5.46 26.69 -35.25
N ILE B 146 4.92 25.47 -35.24
CA ILE B 146 5.57 24.40 -34.49
C ILE B 146 6.95 24.11 -35.06
N VAL B 147 7.03 23.96 -36.38
CA VAL B 147 8.33 23.74 -37.01
C VAL B 147 9.29 24.87 -36.69
N ALA B 148 8.82 26.11 -36.76
CA ALA B 148 9.69 27.25 -36.46
C ALA B 148 10.20 27.17 -35.03
N PHE B 149 9.31 26.74 -34.13
CA PHE B 149 9.66 26.55 -32.72
C PHE B 149 10.75 25.49 -32.60
N GLN B 150 10.59 24.40 -33.33
CA GLN B 150 11.56 23.31 -33.25
C GLN B 150 12.90 23.76 -33.77
N ASP B 151 12.88 24.54 -34.86
CA ASP B 151 14.10 25.08 -35.42
C ASP B 151 14.78 26.01 -34.43
N ARG B 152 13.98 26.80 -33.72
CA ARG B 152 14.53 27.68 -32.69
C ARG B 152 15.19 26.89 -31.58
N LEU B 153 14.60 25.76 -31.19
CA LEU B 153 15.22 24.91 -30.17
C LEU B 153 16.58 24.42 -30.64
N ALA B 154 16.65 24.01 -31.90
CA ALA B 154 17.91 23.56 -32.47
C ALA B 154 18.95 24.68 -32.48
N ASP B 155 18.50 25.91 -32.71
CA ASP B 155 19.42 27.03 -32.75
C ASP B 155 19.98 27.34 -31.35
N VAL B 156 19.16 27.20 -30.31
CA VAL B 156 19.68 27.44 -28.96
C VAL B 156 20.73 26.41 -28.61
N VAL B 157 20.48 25.14 -28.94
CA VAL B 157 21.47 24.08 -28.75
C VAL B 157 22.79 24.42 -29.44
N ALA B 158 22.73 24.86 -30.70
CA ALA B 158 23.96 25.23 -31.39
C ALA B 158 24.71 26.31 -30.62
N ALA B 159 23.97 27.29 -30.09
CA ALA B 159 24.56 28.38 -29.32
C ALA B 159 25.13 27.92 -27.99
N LYS B 160 24.39 27.09 -27.27
CA LYS B 160 24.88 26.57 -25.99
C LYS B 160 26.09 25.67 -26.20
N ASP B 161 26.09 24.90 -27.28
CA ASP B 161 27.24 24.06 -27.59
C ASP B 161 28.48 24.90 -27.80
N ALA B 162 28.34 25.95 -28.63
CA ALA B 162 29.46 26.86 -28.90
C ALA B 162 29.93 27.52 -27.62
N GLU B 163 28.99 27.95 -26.79
CA GLU B 163 29.31 28.57 -25.53
C GLU B 163 30.06 27.61 -24.61
N LEU B 164 29.59 26.37 -24.51
CA LEU B 164 30.26 25.39 -23.66
C LEU B 164 31.69 25.17 -24.15
N GLN B 165 31.87 25.09 -25.47
CA GLN B 165 33.20 24.89 -26.02
C GLN B 165 34.12 26.06 -25.67
N ARG B 166 33.61 27.28 -25.74
CA ARG B 166 34.38 28.45 -25.39
C ARG B 166 34.73 28.43 -23.90
N LEU B 167 33.77 28.00 -23.09
CA LEU B 167 33.99 27.92 -21.65
C LEU B 167 35.11 26.95 -21.32
N ALA B 168 35.02 25.75 -21.88
CA ALA B 168 36.06 24.74 -21.65
C ALA B 168 37.40 25.24 -22.18
N GLY B 169 37.35 25.98 -23.28
CA GLY B 169 38.56 26.59 -23.83
C GLY B 169 39.21 27.55 -22.84
N LYS B 170 38.39 28.44 -22.28
CA LYS B 170 38.88 29.38 -21.27
C LYS B 170 39.47 28.62 -20.08
N LEU B 171 38.81 27.53 -19.69
CA LEU B 171 39.26 26.69 -18.59
C LEU B 171 40.69 26.20 -18.79
N THR B 172 40.92 25.56 -19.93
CA THR B 172 42.24 25.02 -20.25
C THR B 172 43.30 26.12 -20.37
N ARG B 173 42.91 27.26 -20.94
CA ARG B 173 43.83 28.38 -21.10
C ARG B 173 43.85 29.28 -19.86
N ALA C 4 -29.81 -15.19 0.57
CA ALA C 4 -30.55 -15.49 -0.66
C ALA C 4 -31.78 -14.59 -0.79
N GLY C 5 -31.68 -13.55 -1.60
CA GLY C 5 -32.77 -12.57 -1.67
C GLY C 5 -32.88 -11.71 -0.42
N GLU C 6 -31.75 -11.46 0.24
CA GLU C 6 -31.71 -10.52 1.36
C GLU C 6 -31.32 -9.13 0.86
N ARG C 7 -31.61 -8.10 1.65
CA ARG C 7 -31.06 -6.78 1.35
C ARG C 7 -29.59 -6.77 1.76
N PRO C 8 -28.73 -6.32 0.85
CA PRO C 8 -27.28 -6.30 1.10
C PRO C 8 -26.90 -5.26 2.14
N ARG C 9 -25.90 -5.58 2.96
CA ARG C 9 -25.29 -4.62 3.88
C ARG C 9 -23.90 -4.19 3.38
N VAL C 10 -23.33 -4.99 2.49
CA VAL C 10 -22.00 -4.67 1.94
C VAL C 10 -22.05 -4.82 0.42
N GLY C 11 -21.44 -3.88 -0.29
CA GLY C 11 -21.34 -3.99 -1.73
C GLY C 11 -19.95 -4.44 -2.11
N VAL C 12 -19.85 -5.46 -2.95
CA VAL C 12 -18.57 -5.89 -3.49
C VAL C 12 -18.58 -5.57 -4.98
N ILE C 13 -17.83 -4.55 -5.36
CA ILE C 13 -17.89 -4.07 -6.73
C ILE C 13 -16.52 -4.09 -7.38
N MET C 14 -16.51 -4.06 -8.70
CA MET C 14 -15.24 -4.15 -9.41
C MET C 14 -15.35 -3.52 -10.78
N GLY C 15 -14.22 -3.07 -11.31
CA GLY C 15 -14.21 -2.33 -12.56
C GLY C 15 -14.53 -3.16 -13.80
N SER C 16 -14.21 -4.44 -13.75
CA SER C 16 -14.48 -5.33 -14.88
C SER C 16 -14.83 -6.70 -14.37
N ASP C 17 -15.60 -7.46 -15.14
CA ASP C 17 -15.94 -8.80 -14.68
C ASP C 17 -14.73 -9.75 -14.68
N SER C 18 -13.64 -9.34 -15.31
CA SER C 18 -12.42 -10.15 -15.24
C SER C 18 -11.75 -10.05 -13.87
N ASP C 19 -12.20 -9.08 -13.05
CA ASP C 19 -11.74 -8.96 -11.68
C ASP C 19 -12.44 -9.98 -10.77
N TRP C 20 -13.51 -10.60 -11.26
CA TRP C 20 -14.33 -11.48 -10.42
C TRP C 20 -13.56 -12.61 -9.73
N PRO C 21 -12.68 -13.31 -10.48
CA PRO C 21 -11.94 -14.42 -9.84
C PRO C 21 -11.21 -14.00 -8.57
N VAL C 22 -10.68 -12.79 -8.54
CA VAL C 22 -10.08 -12.24 -7.33
C VAL C 22 -11.13 -11.77 -6.29
N MET C 23 -12.10 -10.98 -6.74
CA MET C 23 -13.06 -10.35 -5.83
C MET C 23 -14.05 -11.32 -5.19
N ALA C 24 -14.23 -12.49 -5.79
CA ALA C 24 -15.11 -13.50 -5.24
C ALA C 24 -14.74 -13.87 -3.80
N ASP C 25 -13.46 -13.72 -3.45
CA ASP C 25 -12.97 -14.02 -2.11
C ASP C 25 -13.58 -13.07 -1.07
N ALA C 26 -13.87 -11.83 -1.47
CA ALA C 26 -14.51 -10.89 -0.55
C ALA C 26 -15.92 -11.36 -0.24
N ALA C 27 -16.62 -11.80 -1.29
CA ALA C 27 -17.98 -12.28 -1.12
C ALA C 27 -17.99 -13.50 -0.21
N ALA C 28 -17.01 -14.38 -0.40
CA ALA C 28 -16.92 -15.60 0.39
C ALA C 28 -16.70 -15.30 1.87
N ALA C 29 -15.79 -14.37 2.16
CA ALA C 29 -15.50 -14.00 3.54
C ALA C 29 -16.75 -13.43 4.22
N LEU C 30 -17.47 -12.58 3.49
CA LEU C 30 -18.71 -12.00 4.01
C LEU C 30 -19.74 -13.08 4.32
N ALA C 31 -19.87 -14.05 3.43
CA ALA C 31 -20.82 -15.14 3.65
C ALA C 31 -20.46 -15.96 4.88
N GLU C 32 -19.17 -16.16 5.13
CA GLU C 32 -18.72 -16.88 6.31
C GLU C 32 -19.27 -16.27 7.59
N PHE C 33 -19.49 -14.96 7.58
CA PHE C 33 -20.03 -14.25 8.74
C PHE C 33 -21.52 -13.92 8.59
N ASP C 34 -22.18 -14.54 7.61
CA ASP C 34 -23.61 -14.32 7.37
C ASP C 34 -23.96 -12.85 7.13
N ILE C 35 -23.04 -12.13 6.49
CA ILE C 35 -23.29 -10.75 6.13
C ILE C 35 -23.79 -10.68 4.70
N PRO C 36 -25.02 -10.18 4.50
CA PRO C 36 -25.59 -10.09 3.16
C PRO C 36 -24.81 -9.10 2.29
N ALA C 37 -24.47 -9.51 1.07
CA ALA C 37 -23.67 -8.67 0.20
C ALA C 37 -24.11 -8.80 -1.25
N GLU C 38 -23.91 -7.75 -2.03
CA GLU C 38 -24.20 -7.81 -3.45
C GLU C 38 -22.90 -7.70 -4.21
N VAL C 39 -22.88 -8.23 -5.43
CA VAL C 39 -21.67 -8.19 -6.24
C VAL C 39 -22.03 -7.48 -7.52
N ARG C 40 -21.24 -6.48 -7.90
CA ARG C 40 -21.56 -5.66 -9.05
C ARG C 40 -20.35 -5.39 -9.93
N VAL C 41 -20.59 -5.12 -11.21
CA VAL C 41 -19.56 -4.53 -12.05
C VAL C 41 -19.89 -3.04 -12.18
N VAL C 42 -18.97 -2.21 -11.71
CA VAL C 42 -19.18 -0.76 -11.66
C VAL C 42 -17.88 -0.16 -12.14
N SER C 43 -17.91 0.45 -13.32
CA SER C 43 -16.69 0.94 -13.94
C SER C 43 -16.53 2.45 -13.80
N ALA C 44 -15.45 2.88 -13.15
CA ALA C 44 -15.20 4.31 -13.02
C ALA C 44 -14.87 4.93 -14.39
N HIS C 45 -14.16 4.16 -15.22
CA HIS C 45 -13.71 4.66 -16.51
C HIS C 45 -14.74 4.53 -17.62
N ARG C 46 -15.49 3.44 -17.62
CA ARG C 46 -16.43 3.18 -18.70
C ARG C 46 -17.86 3.63 -18.37
N THR C 47 -18.18 3.73 -17.07
CA THR C 47 -19.50 4.20 -16.64
C THR C 47 -19.44 5.18 -15.48
N PRO C 48 -18.81 6.34 -15.70
CA PRO C 48 -18.63 7.28 -14.59
C PRO C 48 -19.98 7.73 -14.00
N GLU C 49 -20.98 7.98 -14.84
CA GLU C 49 -22.29 8.40 -14.32
C GLU C 49 -22.92 7.30 -13.46
N ALA C 50 -22.88 6.05 -13.93
CA ALA C 50 -23.46 4.93 -13.16
C ALA C 50 -22.66 4.65 -11.89
N MET C 51 -21.34 4.84 -11.98
N MET C 51 -21.35 4.83 -11.97
CA MET C 51 -20.47 4.68 -10.82
CA MET C 51 -20.51 4.67 -10.80
C MET C 51 -20.87 5.67 -9.74
C MET C 51 -20.97 5.67 -9.75
N PHE C 52 -21.04 6.93 -10.13
CA PHE C 52 -21.48 7.97 -9.19
C PHE C 52 -22.85 7.65 -8.63
N SER C 53 -23.76 7.14 -9.46
CA SER C 53 -25.11 6.83 -9.00
CA SER C 53 -25.11 6.83 -9.00
C SER C 53 -25.08 5.72 -7.96
N TYR C 54 -24.23 4.71 -8.20
CA TYR C 54 -24.08 3.62 -7.26
C TYR C 54 -23.58 4.13 -5.91
N ALA C 55 -22.54 4.95 -5.95
CA ALA C 55 -21.94 5.45 -4.72
C ALA C 55 -22.92 6.33 -3.95
N ARG C 56 -23.58 7.24 -4.68
CA ARG C 56 -24.48 8.18 -4.03
C ARG C 56 -25.71 7.50 -3.43
N GLY C 57 -26.14 6.41 -4.05
CA GLY C 57 -27.33 5.71 -3.61
C GLY C 57 -27.09 4.66 -2.53
N ALA C 58 -25.82 4.36 -2.27
CA ALA C 58 -25.46 3.23 -1.42
C ALA C 58 -26.04 3.29 -0.01
N ALA C 59 -25.78 4.39 0.70
CA ALA C 59 -26.18 4.46 2.11
C ALA C 59 -27.70 4.39 2.29
N ALA C 60 -28.42 5.07 1.40
CA ALA C 60 -29.88 5.08 1.43
C ALA C 60 -30.47 3.68 1.24
N ARG C 61 -29.74 2.83 0.52
CA ARG C 61 -30.20 1.49 0.21
C ARG C 61 -29.88 0.54 1.35
N GLY C 62 -29.13 1.03 2.34
CA GLY C 62 -28.79 0.20 3.49
C GLY C 62 -27.39 -0.39 3.47
N LEU C 63 -26.59 -0.02 2.47
CA LEU C 63 -25.19 -0.47 2.48
C LEU C 63 -24.43 0.24 3.58
N GLU C 64 -23.54 -0.48 4.25
CA GLU C 64 -22.74 0.11 5.32
C GLU C 64 -21.25 0.18 4.99
N VAL C 65 -20.82 -0.66 4.04
CA VAL C 65 -19.43 -0.66 3.57
C VAL C 65 -19.43 -1.01 2.10
N ILE C 66 -18.53 -0.42 1.33
CA ILE C 66 -18.34 -0.81 -0.06
C ILE C 66 -16.93 -1.36 -0.21
N ILE C 67 -16.80 -2.55 -0.77
CA ILE C 67 -15.49 -3.10 -1.14
C ILE C 67 -15.35 -2.94 -2.65
N ALA C 68 -14.32 -2.23 -3.10
CA ALA C 68 -14.17 -1.96 -4.53
C ALA C 68 -12.81 -2.44 -5.03
N GLY C 69 -12.81 -3.24 -6.08
CA GLY C 69 -11.57 -3.73 -6.64
C GLY C 69 -11.34 -3.21 -8.04
N ALA C 70 -10.10 -2.84 -8.33
CA ALA C 70 -9.73 -2.42 -9.68
C ALA C 70 -8.24 -2.55 -9.87
N GLY C 71 -7.81 -2.63 -11.13
CA GLY C 71 -6.40 -2.82 -11.43
C GLY C 71 -5.84 -1.75 -12.35
N GLY C 72 -4.51 -1.72 -12.47
CA GLY C 72 -3.85 -0.75 -13.32
C GLY C 72 -3.96 0.63 -12.71
N ALA C 73 -4.34 1.61 -13.52
CA ALA C 73 -4.75 2.90 -12.99
C ALA C 73 -6.10 2.69 -12.33
N ALA C 74 -6.05 2.32 -11.08
CA ALA C 74 -7.24 1.88 -10.36
C ALA C 74 -7.91 3.08 -9.69
N HIS C 75 -8.99 3.57 -10.30
CA HIS C 75 -9.65 4.78 -9.81
C HIS C 75 -10.98 4.51 -9.11
N LEU C 76 -11.50 3.30 -9.25
CA LEU C 76 -12.83 3.01 -8.76
C LEU C 76 -12.99 3.21 -7.22
N PRO C 77 -12.09 2.64 -6.39
CA PRO C 77 -12.28 2.82 -4.95
C PRO C 77 -12.29 4.30 -4.58
N GLY C 78 -11.36 5.07 -5.15
CA GLY C 78 -11.24 6.47 -4.80
C GLY C 78 -12.43 7.30 -5.24
N MET C 79 -12.92 7.04 -6.44
CA MET C 79 -14.01 7.83 -6.96
C MET C 79 -15.33 7.48 -6.29
N VAL C 80 -15.49 6.22 -5.88
CA VAL C 80 -16.64 5.83 -5.08
C VAL C 80 -16.57 6.51 -3.72
N ALA C 81 -15.40 6.47 -3.09
CA ALA C 81 -15.21 7.13 -1.81
C ALA C 81 -15.53 8.62 -1.90
N ALA C 82 -15.26 9.23 -3.06
CA ALA C 82 -15.53 10.66 -3.24
C ALA C 82 -17.03 10.95 -3.21
N ALA C 83 -17.84 9.95 -3.51
CA ALA C 83 -19.28 10.18 -3.68
C ALA C 83 -20.17 9.50 -2.65
N THR C 84 -19.58 9.11 -1.53
CA THR C 84 -20.34 8.49 -0.43
C THR C 84 -19.70 8.87 0.89
N PRO C 85 -20.49 8.92 1.97
CA PRO C 85 -19.89 9.08 3.30
C PRO C 85 -19.47 7.72 3.89
N LEU C 86 -19.84 6.63 3.22
CA LEU C 86 -19.52 5.30 3.72
C LEU C 86 -18.04 4.98 3.61
N PRO C 87 -17.54 4.10 4.49
CA PRO C 87 -16.16 3.65 4.35
C PRO C 87 -16.01 2.77 3.11
N VAL C 88 -14.97 3.02 2.34
CA VAL C 88 -14.72 2.26 1.12
C VAL C 88 -13.41 1.50 1.28
N ILE C 89 -13.44 0.18 1.06
CA ILE C 89 -12.22 -0.64 1.09
C ILE C 89 -11.78 -0.91 -0.34
N GLY C 90 -10.52 -0.61 -0.65
CA GLY C 90 -10.02 -0.79 -2.00
C GLY C 90 -9.13 -2.00 -2.10
N VAL C 91 -9.43 -2.86 -3.08
CA VAL C 91 -8.60 -4.03 -3.36
C VAL C 91 -7.81 -3.79 -4.65
N PRO C 92 -6.49 -3.68 -4.54
CA PRO C 92 -5.69 -3.57 -5.77
C PRO C 92 -5.65 -4.90 -6.49
N VAL C 93 -6.19 -4.95 -7.71
CA VAL C 93 -6.18 -6.17 -8.50
C VAL C 93 -4.97 -6.15 -9.40
N PRO C 94 -4.12 -7.19 -9.33
CA PRO C 94 -2.91 -7.19 -10.16
C PRO C 94 -3.26 -7.50 -11.61
N LEU C 95 -2.72 -6.72 -12.55
CA LEU C 95 -2.97 -6.99 -13.96
C LEU C 95 -1.77 -7.68 -14.62
N GLY C 96 -1.70 -7.64 -15.94
CA GLY C 96 -0.67 -8.37 -16.67
C GLY C 96 0.75 -7.93 -16.41
N ARG C 97 0.94 -6.66 -16.08
CA ARG C 97 2.27 -6.11 -15.83
C ARG C 97 2.30 -5.34 -14.51
N LEU C 98 3.46 -5.41 -13.85
CA LEU C 98 3.74 -4.65 -12.64
C LEU C 98 3.23 -5.28 -11.34
N ASP C 99 2.57 -6.43 -11.45
CA ASP C 99 2.21 -7.23 -10.26
C ASP C 99 1.33 -6.46 -9.29
N GLY C 100 0.54 -5.54 -9.83
CA GLY C 100 -0.39 -4.78 -9.03
C GLY C 100 0.25 -3.63 -8.26
N LEU C 101 1.50 -3.29 -8.58
CA LEU C 101 2.12 -2.17 -7.90
C LEU C 101 1.44 -0.89 -8.34
N ASP C 102 1.07 -0.83 -9.62
CA ASP C 102 0.30 0.30 -10.13
C ASP C 102 -1.07 0.36 -9.45
N SER C 103 -1.75 -0.77 -9.35
CA SER C 103 -3.05 -0.82 -8.69
C SER C 103 -2.93 -0.32 -7.26
N LEU C 104 -1.87 -0.76 -6.57
CA LEU C 104 -1.71 -0.40 -5.16
C LEU C 104 -1.51 1.10 -4.98
N LEU C 105 -0.58 1.68 -5.73
CA LEU C 105 -0.28 3.09 -5.56
C LEU C 105 -1.47 3.96 -5.97
N SER C 106 -2.19 3.55 -7.02
CA SER C 106 -3.35 4.30 -7.51
CA SER C 106 -3.31 4.36 -7.49
C SER C 106 -4.50 4.34 -6.52
N ILE C 107 -4.54 3.34 -5.63
CA ILE C 107 -5.60 3.24 -4.64
C ILE C 107 -5.22 3.86 -3.30
N VAL C 108 -4.03 3.52 -2.80
CA VAL C 108 -3.70 3.87 -1.43
C VAL C 108 -3.29 5.35 -1.29
N GLN C 109 -2.66 5.92 -2.32
CA GLN C 109 -2.06 7.26 -2.20
C GLN C 109 -3.02 8.45 -2.30
N MET C 110 -4.23 8.26 -1.77
CA MET C 110 -5.22 9.33 -1.77
C MET C 110 -4.71 10.54 -0.99
N PRO C 111 -4.70 11.71 -1.63
CA PRO C 111 -4.33 12.94 -0.93
C PRO C 111 -5.37 13.31 0.14
N ALA C 112 -5.01 14.27 0.98
CA ALA C 112 -5.86 14.65 2.11
C ALA C 112 -7.28 15.03 1.67
N GLY C 113 -8.27 14.45 2.35
CA GLY C 113 -9.66 14.79 2.13
C GLY C 113 -10.59 13.62 1.93
N VAL C 114 -10.14 12.63 1.15
CA VAL C 114 -10.96 11.46 0.84
C VAL C 114 -10.17 10.17 1.08
N PRO C 115 -10.51 9.43 2.13
CA PRO C 115 -9.74 8.22 2.46
C PRO C 115 -10.25 6.97 1.77
N VAL C 116 -9.35 6.02 1.52
CA VAL C 116 -9.72 4.68 1.10
C VAL C 116 -8.95 3.68 1.96
N ALA C 117 -9.67 2.75 2.57
CA ALA C 117 -9.03 1.68 3.35
C ALA C 117 -8.44 0.66 2.38
N THR C 118 -7.12 0.62 2.23
CA THR C 118 -6.52 -0.22 1.19
C THR C 118 -5.99 -1.52 1.80
N VAL C 119 -6.25 -2.64 1.13
CA VAL C 119 -5.71 -3.92 1.58
C VAL C 119 -4.65 -4.43 0.60
N SER C 120 -4.09 -5.61 0.86
CA SER C 120 -2.97 -6.10 0.07
C SER C 120 -3.38 -6.33 -1.39
N ILE C 121 -2.37 -6.35 -2.26
CA ILE C 121 -2.59 -6.68 -3.67
C ILE C 121 -3.26 -8.05 -3.76
N GLY C 122 -4.40 -8.10 -4.46
CA GLY C 122 -5.17 -9.32 -4.56
C GLY C 122 -5.91 -9.74 -3.29
N GLY C 123 -5.90 -8.88 -2.27
CA GLY C 123 -6.38 -9.30 -0.95
C GLY C 123 -7.87 -9.15 -0.73
N ALA C 124 -8.68 -9.68 -1.64
CA ALA C 124 -10.13 -9.54 -1.54
C ALA C 124 -10.69 -10.22 -0.29
N GLY C 125 -10.15 -11.39 0.05
CA GLY C 125 -10.58 -12.07 1.26
C GLY C 125 -10.42 -11.19 2.49
N ASN C 126 -9.24 -10.60 2.63
CA ASN C 126 -9.01 -9.66 3.73
C ASN C 126 -9.90 -8.43 3.66
N ALA C 127 -10.25 -8.00 2.46
CA ALA C 127 -11.25 -6.94 2.31
C ALA C 127 -12.57 -7.34 2.94
N GLY C 128 -13.00 -8.58 2.68
CA GLY C 128 -14.19 -9.09 3.32
C GLY C 128 -14.08 -9.13 4.83
N LEU C 129 -12.96 -9.64 5.33
CA LEU C 129 -12.74 -9.72 6.77
C LEU C 129 -12.70 -8.33 7.41
N LEU C 130 -12.13 -7.36 6.69
CA LEU C 130 -12.06 -5.99 7.20
C LEU C 130 -13.46 -5.37 7.29
N ALA C 131 -14.29 -5.61 6.28
CA ALA C 131 -15.68 -5.13 6.32
C ALA C 131 -16.37 -5.74 7.54
N VAL C 132 -16.06 -7.01 7.82
CA VAL C 132 -16.67 -7.70 8.95
C VAL C 132 -16.26 -7.04 10.27
N ARG C 133 -14.98 -6.70 10.40
CA ARG C 133 -14.49 -5.98 11.58
C ARG C 133 -15.16 -4.61 11.72
N MET C 134 -15.37 -3.91 10.60
CA MET C 134 -16.04 -2.61 10.69
C MET C 134 -17.46 -2.79 11.22
N LEU C 135 -18.15 -3.81 10.73
CA LEU C 135 -19.51 -4.10 11.17
C LEU C 135 -19.56 -4.57 12.62
N GLY C 136 -18.46 -5.15 13.09
CA GLY C 136 -18.42 -5.71 14.42
C GLY C 136 -18.02 -4.71 15.49
N ALA C 137 -17.48 -3.58 15.06
CA ALA C 137 -16.80 -2.68 16.00
C ALA C 137 -17.71 -2.25 17.14
N ALA C 138 -18.98 -2.04 16.83
CA ALA C 138 -19.95 -1.64 17.84
C ALA C 138 -21.10 -2.63 17.96
N ASN C 139 -20.82 -3.89 17.63
CA ASN C 139 -21.81 -4.97 17.66
C ASN C 139 -21.21 -6.18 18.38
N PRO C 140 -21.44 -6.25 19.69
CA PRO C 140 -20.82 -7.27 20.56
C PRO C 140 -21.01 -8.70 20.08
N GLN C 141 -22.17 -9.03 19.52
CA GLN C 141 -22.39 -10.40 19.04
C GLN C 141 -21.51 -10.75 17.85
N LEU C 142 -21.47 -9.87 16.85
CA LEU C 142 -20.65 -10.13 15.68
C LEU C 142 -19.18 -10.08 16.08
N ARG C 143 -18.86 -9.19 17.00
CA ARG C 143 -17.48 -9.07 17.45
C ARG C 143 -16.99 -10.38 18.12
N ALA C 144 -17.85 -11.00 18.92
CA ALA C 144 -17.52 -12.30 19.51
C ALA C 144 -17.33 -13.38 18.43
N ARG C 145 -18.11 -13.31 17.35
CA ARG C 145 -17.90 -14.19 16.21
C ARG C 145 -16.52 -13.97 15.59
N ILE C 146 -16.10 -12.71 15.50
CA ILE C 146 -14.78 -12.41 14.97
C ILE C 146 -13.67 -13.01 15.86
N VAL C 147 -13.83 -12.84 17.17
CA VAL C 147 -12.83 -13.40 18.08
C VAL C 147 -12.77 -14.91 17.95
N ALA C 148 -13.94 -15.54 17.82
CA ALA C 148 -13.99 -16.99 17.64
C ALA C 148 -13.27 -17.41 16.34
N PHE C 149 -13.45 -16.62 15.28
CA PHE C 149 -12.76 -16.84 14.00
C PHE C 149 -11.26 -16.76 14.20
N GLN C 150 -10.83 -15.76 14.97
CA GLN C 150 -9.41 -15.57 15.22
C GLN C 150 -8.82 -16.74 16.01
N ASP C 151 -9.56 -17.20 17.00
CA ASP C 151 -9.12 -18.36 17.80
C ASP C 151 -9.02 -19.61 16.94
N ARG C 152 -9.97 -19.79 16.02
CA ARG C 152 -9.90 -20.95 15.13
C ARG C 152 -8.67 -20.91 14.22
N LEU C 153 -8.35 -19.73 13.69
CA LEU C 153 -7.12 -19.56 12.92
C LEU C 153 -5.92 -19.97 13.76
N ALA C 154 -5.89 -19.52 15.01
CA ALA C 154 -4.80 -19.85 15.90
C ALA C 154 -4.70 -21.36 16.15
N ASP C 155 -5.84 -22.02 16.33
CA ASP C 155 -5.84 -23.47 16.54
C ASP C 155 -5.30 -24.20 15.33
N VAL C 156 -5.62 -23.70 14.14
CA VAL C 156 -5.11 -24.33 12.92
C VAL C 156 -3.58 -24.21 12.83
N VAL C 157 -3.05 -23.04 13.16
CA VAL C 157 -1.59 -22.86 13.19
C VAL C 157 -0.94 -23.88 14.13
N ALA C 158 -1.52 -24.05 15.31
CA ALA C 158 -0.96 -25.03 16.26
C ALA C 158 -0.95 -26.44 15.67
N ALA C 159 -2.01 -26.81 14.96
CA ALA C 159 -2.07 -28.13 14.34
C ALA C 159 -1.01 -28.27 13.25
N LYS C 160 -0.80 -27.20 12.50
CA LYS C 160 0.21 -27.22 11.46
C LYS C 160 1.61 -27.25 12.05
N ASP C 161 1.79 -26.55 13.15
CA ASP C 161 3.05 -26.58 13.89
C ASP C 161 3.40 -28.01 14.31
N ALA C 162 2.47 -28.69 14.97
CA ALA C 162 2.70 -30.07 15.40
C ALA C 162 2.98 -30.98 14.20
N GLU C 163 2.20 -30.82 13.14
CA GLU C 163 2.40 -31.60 11.92
C GLU C 163 3.79 -31.39 11.32
N LEU C 164 4.22 -30.13 11.26
CA LEU C 164 5.53 -29.85 10.67
C LEU C 164 6.67 -30.41 11.53
N GLN C 165 6.51 -30.35 12.85
CA GLN C 165 7.50 -30.96 13.73
C GLN C 165 7.59 -32.46 13.48
N ARG C 166 6.45 -33.11 13.29
CA ARG C 166 6.44 -34.55 13.02
C ARG C 166 7.09 -34.84 11.67
N LEU C 167 6.84 -33.98 10.70
CA LEU C 167 7.43 -34.16 9.37
C LEU C 167 8.95 -34.03 9.47
N ALA C 168 9.41 -33.00 10.17
CA ALA C 168 10.86 -32.79 10.34
C ALA C 168 11.49 -33.92 11.15
N GLY C 169 10.79 -34.38 12.17
CA GLY C 169 11.28 -35.49 12.99
C GLY C 169 11.46 -36.73 12.13
N LYS C 170 10.51 -36.95 11.21
CA LYS C 170 10.58 -38.09 10.30
C LYS C 170 11.77 -37.99 9.37
N LEU C 171 11.98 -36.80 8.80
CA LEU C 171 13.13 -36.58 7.92
C LEU C 171 14.44 -36.82 8.65
N THR C 172 14.52 -36.32 9.89
CA THR C 172 15.71 -36.54 10.71
C THR C 172 15.92 -38.03 10.96
N ARG C 173 14.83 -38.75 11.22
CA ARG C 173 14.87 -40.20 11.35
C ARG C 173 14.88 -40.86 9.97
N MET D 1 22.18 -36.19 8.78
CA MET D 1 23.51 -36.08 9.37
C MET D 1 23.42 -35.88 10.88
N THR D 2 22.52 -35.00 11.31
CA THR D 2 22.22 -34.86 12.74
C THR D 2 21.31 -36.01 13.15
N PRO D 3 21.69 -36.72 14.23
CA PRO D 3 20.88 -37.83 14.75
C PRO D 3 19.60 -37.35 15.41
N ALA D 4 18.56 -38.18 15.40
CA ALA D 4 17.31 -37.81 16.03
C ALA D 4 17.46 -37.77 17.54
N GLY D 5 16.70 -36.89 18.19
CA GLY D 5 16.60 -36.90 19.63
C GLY D 5 17.57 -35.99 20.39
N GLU D 6 18.28 -35.13 19.66
CA GLU D 6 19.15 -34.15 20.30
C GLU D 6 18.33 -32.94 20.71
N ARG D 7 18.78 -32.21 21.72
CA ARG D 7 18.15 -30.94 22.05
C ARG D 7 18.55 -29.93 20.97
N PRO D 8 17.58 -29.17 20.45
CA PRO D 8 17.86 -28.22 19.36
C PRO D 8 18.79 -27.07 19.80
N ARG D 9 19.63 -26.62 18.87
CA ARG D 9 20.49 -25.44 19.09
C ARG D 9 20.02 -24.28 18.21
N VAL D 10 19.26 -24.59 17.16
CA VAL D 10 18.74 -23.57 16.26
C VAL D 10 17.27 -23.82 16.00
N GLY D 11 16.47 -22.76 15.96
CA GLY D 11 15.06 -22.86 15.62
C GLY D 11 14.88 -22.40 14.18
N VAL D 12 14.20 -23.23 13.38
CA VAL D 12 13.81 -22.83 12.03
C VAL D 12 12.29 -22.69 12.04
N ILE D 13 11.80 -21.47 11.97
CA ILE D 13 10.36 -21.24 12.10
C ILE D 13 9.80 -20.46 10.92
N MET D 14 8.49 -20.54 10.73
CA MET D 14 7.87 -19.86 9.61
C MET D 14 6.41 -19.57 9.91
N GLY D 15 5.85 -18.58 9.22
CA GLY D 15 4.50 -18.15 9.52
C GLY D 15 3.43 -19.12 9.07
N SER D 16 3.74 -19.91 8.05
CA SER D 16 2.78 -20.86 7.51
C SER D 16 3.50 -22.08 6.99
N ASP D 17 2.82 -23.22 7.00
CA ASP D 17 3.43 -24.43 6.51
C ASP D 17 3.64 -24.37 4.99
N SER D 18 2.99 -23.42 4.32
CA SER D 18 3.23 -23.22 2.89
C SER D 18 4.63 -22.64 2.64
N ASP D 19 5.28 -22.14 3.69
CA ASP D 19 6.66 -21.64 3.58
C ASP D 19 7.69 -22.77 3.61
N TRP D 20 7.27 -23.98 3.96
CA TRP D 20 8.22 -25.08 4.18
C TRP D 20 9.09 -25.45 2.96
N PRO D 21 8.51 -25.51 1.76
CA PRO D 21 9.32 -25.83 0.59
C PRO D 21 10.54 -24.92 0.48
N VAL D 22 10.37 -23.66 0.83
CA VAL D 22 11.48 -22.73 0.90
C VAL D 22 12.37 -22.95 2.13
N MET D 23 11.75 -22.99 3.31
CA MET D 23 12.51 -23.03 4.55
C MET D 23 13.24 -24.34 4.78
N ALA D 24 12.83 -25.38 4.08
CA ALA D 24 13.47 -26.70 4.23
C ALA D 24 14.97 -26.62 3.98
N ASP D 25 15.39 -25.73 3.09
CA ASP D 25 16.81 -25.56 2.79
C ASP D 25 17.63 -25.13 4.00
N ALA D 26 17.01 -24.35 4.89
CA ALA D 26 17.71 -23.94 6.11
C ALA D 26 17.97 -25.15 6.99
N ALA D 27 16.95 -25.99 7.14
CA ALA D 27 17.08 -27.22 7.93
C ALA D 27 18.14 -28.14 7.32
N ALA D 28 18.17 -28.20 5.99
CA ALA D 28 19.13 -29.04 5.30
C ALA D 28 20.57 -28.57 5.53
N ALA D 29 20.78 -27.26 5.48
CA ALA D 29 22.11 -26.71 5.72
C ALA D 29 22.56 -27.02 7.14
N LEU D 30 21.67 -26.83 8.11
CA LEU D 30 22.01 -27.12 9.49
C LEU D 30 22.38 -28.60 9.65
N ALA D 31 21.61 -29.47 9.00
CA ALA D 31 21.86 -30.90 9.12
C ALA D 31 23.22 -31.27 8.55
N GLU D 32 23.65 -30.57 7.50
CA GLU D 32 24.93 -30.88 6.88
C GLU D 32 26.12 -30.57 7.81
N PHE D 33 25.92 -29.64 8.74
CA PHE D 33 26.94 -29.33 9.73
C PHE D 33 26.65 -29.98 11.08
N ASP D 34 25.71 -30.93 11.08
CA ASP D 34 25.39 -31.71 12.27
C ASP D 34 24.90 -30.84 13.41
N ILE D 35 24.20 -29.75 13.05
CA ILE D 35 23.61 -28.88 14.05
C ILE D 35 22.16 -29.26 14.29
N PRO D 36 21.84 -29.67 15.53
CA PRO D 36 20.47 -30.04 15.90
C PRO D 36 19.54 -28.86 15.77
N ALA D 37 18.42 -29.03 15.07
CA ALA D 37 17.48 -27.94 14.83
C ALA D 37 16.05 -28.42 15.00
N GLU D 38 15.16 -27.50 15.35
CA GLU D 38 13.76 -27.83 15.42
C GLU D 38 13.08 -27.02 14.35
N VAL D 39 11.95 -27.50 13.87
CA VAL D 39 11.25 -26.78 12.80
C VAL D 39 9.84 -26.53 13.30
N ARG D 40 9.36 -25.30 13.16
CA ARG D 40 8.10 -24.92 13.75
C ARG D 40 7.28 -24.02 12.82
N VAL D 41 5.96 -24.07 12.97
CA VAL D 41 5.11 -23.04 12.38
C VAL D 41 4.70 -22.11 13.51
N VAL D 42 5.11 -20.85 13.38
CA VAL D 42 4.88 -19.84 14.40
C VAL D 42 4.40 -18.61 13.66
N SER D 43 3.14 -18.23 13.85
CA SER D 43 2.58 -17.11 13.10
C SER D 43 2.49 -15.84 13.94
N ALA D 44 3.16 -14.78 13.49
CA ALA D 44 3.05 -13.50 14.16
C ALA D 44 1.63 -12.94 14.05
N HIS D 45 0.99 -13.19 12.92
CA HIS D 45 -0.32 -12.60 12.64
C HIS D 45 -1.49 -13.42 13.17
N ARG D 46 -1.37 -14.75 13.15
CA ARG D 46 -2.47 -15.62 13.55
CA ARG D 46 -2.48 -15.60 13.56
C ARG D 46 -2.31 -16.15 14.97
N THR D 47 -1.08 -16.16 15.48
CA THR D 47 -0.79 -16.65 16.84
C THR D 47 0.20 -15.76 17.58
N PRO D 48 -0.15 -14.48 17.75
CA PRO D 48 0.78 -13.56 18.42
C PRO D 48 1.20 -14.05 19.81
N GLU D 49 0.25 -14.54 20.60
CA GLU D 49 0.59 -15.04 21.93
C GLU D 49 1.64 -16.15 21.86
N ALA D 50 1.40 -17.13 20.99
CA ALA D 50 2.30 -18.27 20.86
C ALA D 50 3.67 -17.83 20.33
N MET D 51 3.66 -16.86 19.43
N MET D 51 3.67 -16.87 19.42
CA MET D 51 4.89 -16.29 18.87
CA MET D 51 4.92 -16.34 18.90
C MET D 51 5.76 -15.67 19.96
C MET D 51 5.75 -15.76 20.04
N PHE D 52 5.15 -14.89 20.83
CA PHE D 52 5.89 -14.27 21.94
C PHE D 52 6.39 -15.33 22.89
N SER D 53 5.56 -16.34 23.14
CA SER D 53 5.94 -17.39 24.08
C SER D 53 7.15 -18.15 23.56
N TYR D 54 7.15 -18.42 22.27
CA TYR D 54 8.25 -19.11 21.63
C TYR D 54 9.53 -18.28 21.77
N ALA D 55 9.44 -17.00 21.44
CA ALA D 55 10.61 -16.12 21.45
C ALA D 55 11.19 -16.00 22.85
N ARG D 56 10.32 -15.75 23.83
CA ARG D 56 10.80 -15.53 25.18
C ARG D 56 11.36 -16.80 25.80
N GLY D 57 10.86 -17.95 25.36
CA GLY D 57 11.30 -19.22 25.91
C GLY D 57 12.54 -19.81 25.25
N ALA D 58 12.95 -19.26 24.10
CA ALA D 58 13.99 -19.87 23.29
C ALA D 58 15.35 -20.03 23.97
N ALA D 59 15.87 -18.95 24.54
CA ALA D 59 17.23 -18.96 25.06
C ALA D 59 17.34 -19.89 26.26
N ALA D 60 16.32 -19.86 27.11
CA ALA D 60 16.28 -20.71 28.29
C ALA D 60 16.35 -22.19 27.94
N ARG D 61 15.86 -22.53 26.75
CA ARG D 61 15.82 -23.89 26.26
C ARG D 61 17.14 -24.29 25.62
N GLY D 62 18.01 -23.32 25.39
CA GLY D 62 19.31 -23.61 24.82
C GLY D 62 19.37 -23.35 23.32
N LEU D 63 18.34 -22.75 22.76
CA LEU D 63 18.45 -22.28 21.38
C LEU D 63 19.47 -21.15 21.36
N GLU D 64 20.26 -21.08 20.29
CA GLU D 64 21.30 -20.05 20.17
C GLU D 64 21.05 -19.13 18.98
N VAL D 65 20.27 -19.61 18.01
CA VAL D 65 19.91 -18.81 16.84
C VAL D 65 18.50 -19.17 16.44
N ILE D 66 17.72 -18.17 16.01
CA ILE D 66 16.42 -18.45 15.42
C ILE D 66 16.45 -18.01 13.97
N ILE D 67 16.07 -18.91 13.06
CA ILE D 67 15.88 -18.55 11.66
C ILE D 67 14.37 -18.45 11.43
N ALA D 68 13.90 -17.30 10.95
CA ALA D 68 12.46 -17.11 10.79
C ALA D 68 12.13 -16.68 9.37
N GLY D 69 11.23 -17.41 8.72
CA GLY D 69 10.83 -17.06 7.37
C GLY D 69 9.40 -16.54 7.31
N ALA D 70 9.17 -15.49 6.55
CA ALA D 70 7.82 -14.97 6.36
C ALA D 70 7.75 -14.17 5.06
N GLY D 71 6.55 -14.03 4.51
CA GLY D 71 6.36 -13.30 3.27
C GLY D 71 5.34 -12.18 3.35
N GLY D 72 5.36 -11.30 2.35
CA GLY D 72 4.42 -10.20 2.29
C GLY D 72 4.79 -9.18 3.33
N ALA D 73 3.81 -8.75 4.12
CA ALA D 73 4.09 -7.94 5.28
C ALA D 73 4.65 -8.91 6.29
N ALA D 74 5.97 -9.08 6.24
CA ALA D 74 6.66 -10.14 6.97
C ALA D 74 7.08 -9.62 8.33
N HIS D 75 6.30 -9.94 9.35
CA HIS D 75 6.54 -9.40 10.69
C HIS D 75 7.18 -10.39 11.64
N LEU D 76 7.15 -11.67 11.29
CA LEU D 76 7.63 -12.68 12.23
C LEU D 76 9.10 -12.49 12.70
N PRO D 77 10.06 -12.32 11.77
CA PRO D 77 11.44 -12.21 12.27
C PRO D 77 11.59 -11.03 13.23
N GLY D 78 11.00 -9.89 12.88
CA GLY D 78 11.12 -8.71 13.72
C GLY D 78 10.47 -8.84 15.08
N MET D 79 9.29 -9.45 15.13
CA MET D 79 8.58 -9.54 16.39
C MET D 79 9.25 -10.55 17.29
N VAL D 80 9.81 -11.60 16.69
CA VAL D 80 10.55 -12.59 17.46
C VAL D 80 11.80 -11.93 18.04
N ALA D 81 12.51 -11.17 17.20
CA ALA D 81 13.69 -10.46 17.65
C ALA D 81 13.38 -9.54 18.82
N ALA D 82 12.19 -8.94 18.82
CA ALA D 82 11.80 -8.01 19.89
C ALA D 82 11.64 -8.70 21.24
N ALA D 83 11.52 -10.03 21.22
CA ALA D 83 11.21 -10.77 22.44
C ALA D 83 12.26 -11.83 22.83
N THR D 84 13.42 -11.78 22.18
CA THR D 84 14.55 -12.65 22.52
C THR D 84 15.87 -11.91 22.43
N PRO D 85 16.85 -12.31 23.26
CA PRO D 85 18.18 -11.73 23.12
C PRO D 85 18.98 -12.43 22.02
N LEU D 86 18.45 -13.54 21.50
CA LEU D 86 19.16 -14.34 20.53
C LEU D 86 19.22 -13.63 19.18
N PRO D 87 20.29 -13.90 18.42
CA PRO D 87 20.29 -13.36 17.05
C PRO D 87 19.18 -14.02 16.23
N VAL D 88 18.47 -13.22 15.45
CA VAL D 88 17.38 -13.74 14.63
C VAL D 88 17.73 -13.50 13.17
N ILE D 89 17.64 -14.54 12.36
CA ILE D 89 17.91 -14.43 10.93
C ILE D 89 16.57 -14.46 10.19
N GLY D 90 16.31 -13.44 9.38
CA GLY D 90 15.04 -13.34 8.68
C GLY D 90 15.20 -13.76 7.25
N VAL D 91 14.35 -14.68 6.80
CA VAL D 91 14.34 -15.10 5.41
C VAL D 91 13.10 -14.52 4.74
N PRO D 92 13.28 -13.59 3.80
CA PRO D 92 12.11 -13.06 3.06
C PRO D 92 11.58 -14.13 2.11
N VAL D 93 10.34 -14.54 2.31
CA VAL D 93 9.72 -15.54 1.45
C VAL D 93 8.91 -14.81 0.38
N PRO D 94 9.21 -15.09 -0.90
CA PRO D 94 8.47 -14.39 -1.97
C PRO D 94 7.07 -14.99 -2.13
N LEU D 95 6.06 -14.13 -2.13
CA LEU D 95 4.68 -14.58 -2.34
C LEU D 95 4.27 -14.39 -3.81
N GLY D 96 2.96 -14.41 -4.07
CA GLY D 96 2.45 -14.39 -5.43
C GLY D 96 2.76 -13.12 -6.22
N ARG D 97 2.88 -12.00 -5.51
CA ARG D 97 3.16 -10.74 -6.17
C ARG D 97 4.34 -10.02 -5.52
N LEU D 98 5.10 -9.30 -6.34
CA LEU D 98 6.19 -8.43 -5.90
C LEU D 98 7.53 -9.14 -5.70
N ASP D 99 7.57 -10.46 -5.88
CA ASP D 99 8.84 -11.19 -5.94
C ASP D 99 9.61 -11.10 -4.64
N GLY D 100 8.89 -10.97 -3.53
CA GLY D 100 9.52 -10.90 -2.24
C GLY D 100 10.16 -9.56 -1.91
N LEU D 101 9.90 -8.54 -2.71
CA LEU D 101 10.39 -7.20 -2.38
C LEU D 101 9.70 -6.67 -1.12
N ASP D 102 8.40 -6.92 -1.01
CA ASP D 102 7.68 -6.55 0.21
C ASP D 102 8.23 -7.32 1.40
N SER D 103 8.46 -8.61 1.22
CA SER D 103 9.01 -9.46 2.28
C SER D 103 10.36 -8.92 2.74
N LEU D 104 11.19 -8.55 1.77
CA LEU D 104 12.54 -8.07 2.06
C LEU D 104 12.50 -6.77 2.88
N LEU D 105 11.74 -5.80 2.38
CA LEU D 105 11.70 -4.49 3.04
C LEU D 105 11.09 -4.59 4.43
N SER D 106 10.08 -5.44 4.59
CA SER D 106 9.39 -5.61 5.86
CA SER D 106 9.42 -5.53 5.88
C SER D 106 10.26 -6.25 6.93
N ILE D 107 11.28 -7.00 6.49
CA ILE D 107 12.21 -7.68 7.40
C ILE D 107 13.45 -6.85 7.68
N VAL D 108 14.08 -6.32 6.63
CA VAL D 108 15.40 -5.73 6.80
C VAL D 108 15.36 -4.33 7.45
N GLN D 109 14.31 -3.56 7.16
CA GLN D 109 14.26 -2.15 7.56
C GLN D 109 13.88 -1.88 9.02
N MET D 110 14.38 -2.71 9.92
CA MET D 110 14.12 -2.54 11.35
C MET D 110 14.72 -1.22 11.83
N PRO D 111 13.90 -0.38 12.49
CA PRO D 111 14.46 0.83 13.08
C PRO D 111 15.40 0.53 14.25
N ALA D 112 16.07 1.58 14.73
CA ALA D 112 17.08 1.43 15.77
C ALA D 112 16.55 0.76 17.03
N GLY D 113 17.27 -0.28 17.48
CA GLY D 113 16.99 -0.91 18.75
C GLY D 113 16.83 -2.41 18.68
N VAL D 114 16.29 -2.90 17.58
CA VAL D 114 16.02 -4.33 17.44
C VAL D 114 16.48 -4.80 16.07
N PRO D 115 17.63 -5.49 16.02
CA PRO D 115 18.16 -5.88 14.72
C PRO D 115 17.64 -7.23 14.24
N VAL D 116 17.57 -7.39 12.93
CA VAL D 116 17.33 -8.70 12.33
C VAL D 116 18.37 -8.92 11.23
N ALA D 117 19.05 -10.06 11.29
CA ALA D 117 20.01 -10.44 10.26
C ALA D 117 19.24 -10.92 9.03
N THR D 118 19.22 -10.13 7.95
CA THR D 118 18.40 -10.47 6.79
C THR D 118 19.21 -11.14 5.69
N VAL D 119 18.67 -12.21 5.13
CA VAL D 119 19.32 -12.86 3.97
C VAL D 119 18.53 -12.63 2.67
N SER D 120 19.02 -13.18 1.56
CA SER D 120 18.42 -12.93 0.27
C SER D 120 16.98 -13.43 0.22
N ILE D 121 16.19 -12.87 -0.68
CA ILE D 121 14.84 -13.37 -0.91
C ILE D 121 14.89 -14.85 -1.25
N GLY D 122 14.18 -15.67 -0.49
CA GLY D 122 14.17 -17.11 -0.66
C GLY D 122 15.44 -17.85 -0.22
N GLY D 123 16.38 -17.12 0.38
CA GLY D 123 17.69 -17.70 0.70
C GLY D 123 17.76 -18.48 2.00
N ALA D 124 16.87 -19.44 2.20
CA ALA D 124 16.84 -20.22 3.43
C ALA D 124 18.13 -21.02 3.63
N GLY D 125 18.66 -21.57 2.54
CA GLY D 125 19.92 -22.28 2.61
C GLY D 125 21.00 -21.40 3.22
N ASN D 126 21.10 -20.17 2.73
CA ASN D 126 22.07 -19.23 3.27
C ASN D 126 21.81 -18.85 4.71
N ALA D 127 20.54 -18.81 5.10
CA ALA D 127 20.21 -18.56 6.49
C ALA D 127 20.78 -19.68 7.36
N GLY D 128 20.65 -20.92 6.90
CA GLY D 128 21.22 -22.05 7.62
C GLY D 128 22.73 -21.92 7.73
N LEU D 129 23.37 -21.61 6.62
CA LEU D 129 24.83 -21.42 6.61
C LEU D 129 25.25 -20.28 7.53
N LEU D 130 24.48 -19.20 7.54
CA LEU D 130 24.78 -18.08 8.42
C LEU D 130 24.66 -18.48 9.90
N ALA D 131 23.62 -19.24 10.23
CA ALA D 131 23.48 -19.75 11.58
C ALA D 131 24.70 -20.57 11.96
N VAL D 132 25.16 -21.42 11.04
CA VAL D 132 26.35 -22.23 11.31
C VAL D 132 27.56 -21.33 11.58
N ARG D 133 27.69 -20.25 10.79
CA ARG D 133 28.77 -19.30 11.02
C ARG D 133 28.67 -18.64 12.39
N MET D 134 27.46 -18.33 12.82
CA MET D 134 27.27 -17.74 14.14
C MET D 134 27.75 -18.71 15.21
N LEU D 135 27.40 -19.98 15.06
CA LEU D 135 27.80 -21.01 16.02
C LEU D 135 29.30 -21.23 15.97
N GLY D 136 29.90 -20.98 14.81
CA GLY D 136 31.31 -21.25 14.63
C GLY D 136 32.20 -20.13 15.14
N ALA D 137 31.62 -18.96 15.36
CA ALA D 137 32.39 -17.76 15.66
C ALA D 137 33.40 -17.95 16.78
N ALA D 138 32.98 -18.63 17.84
CA ALA D 138 33.84 -18.86 18.99
C ALA D 138 34.14 -20.34 19.19
N ASN D 139 33.81 -21.16 18.19
CA ASN D 139 34.02 -22.59 18.22
C ASN D 139 35.02 -23.02 17.15
N PRO D 140 36.31 -23.08 17.51
CA PRO D 140 37.37 -23.32 16.52
C PRO D 140 37.14 -24.58 15.70
N GLN D 141 36.66 -25.65 16.32
CA GLN D 141 36.44 -26.89 15.58
C GLN D 141 35.37 -26.73 14.50
N LEU D 142 34.24 -26.12 14.85
CA LEU D 142 33.19 -25.89 13.86
C LEU D 142 33.70 -24.93 12.80
N ARG D 143 34.44 -23.93 13.23
CA ARG D 143 34.94 -22.91 12.31
C ARG D 143 35.84 -23.56 11.25
N ALA D 144 36.61 -24.56 11.65
CA ALA D 144 37.48 -25.27 10.70
C ALA D 144 36.65 -26.05 9.68
N ARG D 145 35.51 -26.60 10.11
CA ARG D 145 34.59 -27.25 9.20
C ARG D 145 34.01 -26.28 8.16
N ILE D 146 33.76 -25.05 8.58
CA ILE D 146 33.24 -24.02 7.67
C ILE D 146 34.28 -23.67 6.60
N VAL D 147 35.53 -23.49 7.02
CA VAL D 147 36.61 -23.20 6.08
C VAL D 147 36.73 -24.31 5.04
N ALA D 148 36.67 -25.55 5.49
CA ALA D 148 36.74 -26.68 4.56
C ALA D 148 35.55 -26.67 3.59
N PHE D 149 34.39 -26.31 4.11
CA PHE D 149 33.20 -26.19 3.29
C PHE D 149 33.44 -25.15 2.19
N GLN D 150 33.97 -23.99 2.58
CA GLN D 150 34.29 -22.94 1.62
C GLN D 150 35.33 -23.43 0.62
N ASP D 151 36.36 -24.10 1.10
CA ASP D 151 37.39 -24.60 0.21
C ASP D 151 36.80 -25.56 -0.82
N ARG D 152 35.91 -26.44 -0.38
CA ARG D 152 35.34 -27.42 -1.31
C ARG D 152 34.35 -26.81 -2.31
N LEU D 153 33.77 -25.65 -1.97
CA LEU D 153 32.93 -24.94 -2.94
C LEU D 153 33.73 -24.64 -4.21
N ALA D 154 35.03 -24.40 -4.05
CA ALA D 154 35.88 -24.04 -5.16
C ALA D 154 36.04 -25.21 -6.13
N ASP D 155 36.12 -26.42 -5.58
CA ASP D 155 36.29 -27.61 -6.42
C ASP D 155 35.08 -27.82 -7.33
N VAL D 156 33.88 -27.55 -6.81
CA VAL D 156 32.67 -27.63 -7.61
C VAL D 156 32.73 -26.69 -8.83
N VAL D 157 33.26 -25.50 -8.63
CA VAL D 157 33.37 -24.54 -9.73
C VAL D 157 34.28 -25.07 -10.83
N ALA D 158 35.32 -25.80 -10.44
CA ALA D 158 36.22 -26.38 -11.43
C ALA D 158 35.47 -27.34 -12.35
N ALA D 159 34.59 -28.14 -11.78
CA ALA D 159 33.77 -29.06 -12.57
C ALA D 159 32.79 -28.32 -13.47
N LYS D 160 32.20 -27.26 -12.96
CA LYS D 160 31.30 -26.43 -13.77
C LYS D 160 32.05 -25.82 -14.94
N ASP D 161 33.28 -25.37 -14.69
CA ASP D 161 34.09 -24.79 -15.76
C ASP D 161 34.37 -25.83 -16.84
N ALA D 162 34.66 -27.06 -16.41
CA ALA D 162 34.88 -28.17 -17.35
C ALA D 162 33.65 -28.38 -18.22
N GLU D 163 32.48 -28.36 -17.58
CA GLU D 163 31.22 -28.47 -18.29
C GLU D 163 31.04 -27.35 -19.32
N LEU D 164 31.46 -26.14 -18.96
CA LEU D 164 31.34 -24.99 -19.85
C LEU D 164 32.24 -25.08 -21.09
N GLN D 165 33.45 -25.61 -20.92
CA GLN D 165 34.34 -25.78 -22.06
C GLN D 165 33.70 -26.71 -23.07
N ARG D 166 33.05 -27.76 -22.57
CA ARG D 166 32.35 -28.71 -23.43
C ARG D 166 31.22 -28.01 -24.19
N LEU D 167 30.42 -27.22 -23.48
CA LEU D 167 29.30 -26.51 -24.08
C LEU D 167 29.75 -25.50 -25.12
N ALA D 168 30.84 -24.79 -24.83
CA ALA D 168 31.33 -23.74 -25.74
C ALA D 168 31.73 -24.30 -27.10
C FMT E . 8.77 4.30 13.60
O1 FMT E . 9.63 5.12 13.88
O2 FMT E . 7.91 3.91 14.39
C FMT F . -5.66 -13.79 18.24
O1 FMT F . -5.11 -14.50 19.09
O2 FMT F . -6.20 -12.71 18.48
C FMT G . 7.14 0.63 16.64
O1 FMT G . 6.75 -0.53 16.49
O2 FMT G . 8.25 0.93 17.08
C FMT H . 6.37 -4.40 26.79
O1 FMT H . 6.32 -3.21 27.12
O2 FMT H . 7.37 -5.01 26.38
C1 GOL I . -4.29 17.36 -6.41
O1 GOL I . -4.01 17.46 -7.79
C2 GOL I . -3.00 17.70 -5.65
O2 GOL I . -1.93 17.12 -6.35
C3 GOL I . -3.06 17.11 -4.26
O3 GOL I . -1.98 17.64 -3.52
C FMT J . 19.26 18.95 -35.94
O1 FMT J . 18.03 18.81 -36.03
O2 FMT J . 19.83 19.96 -35.55
C FMT K . -18.84 18.62 -5.81
O1 FMT K . -18.88 17.39 -5.84
O2 FMT K . -18.55 19.33 -6.77
C FMT L . -19.18 8.19 -20.74
O1 FMT L . -20.17 8.25 -20.01
O2 FMT L . -18.70 9.15 -21.37
C FMT M . -14.45 24.38 -8.76
O1 FMT M . -13.91 24.49 -9.86
O2 FMT M . -15.55 24.85 -8.46
C FMT N . -7.65 15.83 -7.34
O1 FMT N . -8.45 15.11 -7.95
O2 FMT N . -7.94 16.55 -6.39
C FMT O . -6.27 22.42 -1.66
O1 FMT O . -6.40 22.68 -2.85
O2 FMT O . -6.87 23.02 -0.76
C FMT P . -7.08 15.11 -3.87
O1 FMT P . -8.14 15.25 -3.26
O2 FMT P . -6.79 14.12 -4.55
C1 GOL Q . -18.96 16.89 -2.32
O1 GOL Q . -20.20 17.36 -1.83
C2 GOL Q . -19.16 15.52 -2.97
O2 GOL Q . -19.99 15.63 -4.11
C3 GOL Q . -19.80 14.60 -1.94
O3 GOL Q . -19.84 13.28 -2.44
C FMT R . -10.19 -3.11 -14.17
O1 FMT R . -10.57 -3.17 -13.00
O2 FMT R . -9.47 -3.95 -14.70
C FMT S . -17.44 -16.89 10.84
O1 FMT S . -16.49 -17.65 10.63
O2 FMT S . -18.13 -16.92 11.86
C FMT T . -16.03 -5.89 -18.50
O1 FMT T . -16.59 -5.92 -17.41
O2 FMT T . -16.59 -5.68 -19.58
C FMT U . -12.67 0.75 -13.87
O1 FMT U . -13.06 1.50 -12.98
O2 FMT U . -13.18 0.67 -14.99
C FMT V . -2.30 -16.93 19.76
O1 FMT V . -1.34 -17.70 19.94
O2 FMT V . -2.27 -15.71 19.97
C FMT W . 2.49 -14.59 10.01
O1 FMT W . 3.58 -14.54 10.58
O2 FMT W . 1.94 -15.64 9.66
C FMT X . 37.71 -22.13 -12.29
O1 FMT X . 37.75 -20.95 -12.67
O2 FMT X . 38.45 -22.62 -11.44
C FMT Y . 33.67 -19.07 0.36
O1 FMT Y . 33.01 -19.14 1.40
O2 FMT Y . 33.41 -19.72 -0.66
C FMT Z . 3.41 -16.33 5.33
O1 FMT Z . 4.22 -16.24 6.26
O2 FMT Z . 3.73 -16.57 4.17
C FMT AA . 30.25 -30.21 6.49
O1 FMT AA . 29.95 -29.80 5.37
O2 FMT AA . 31.40 -30.42 6.87
C FMT BA . 14.58 -34.38 15.78
O1 FMT BA . 14.75 -35.15 16.72
O2 FMT BA . 15.16 -33.30 15.67
#